data_3WY3
#
_entry.id   3WY3
#
_cell.length_a   60.530
_cell.length_b   119.570
_cell.length_c   177.940
_cell.angle_alpha   90.00
_cell.angle_beta   90.00
_cell.angle_gamma   90.00
#
_symmetry.space_group_name_H-M   'P 21 21 21'
#
loop_
_entity.id
_entity.type
_entity.pdbx_description
1 polymer Alpha-glucosidase
2 non-polymer 'MAGNESIUM ION'
3 non-polymer GLYCEROL
4 non-polymer beta-D-glucopyranose
#
_entity_poly.entity_id   1
_entity_poly.type   'polypeptide(L)'
_entity_poly.pdbx_seq_one_letter_code
;MQDNMMWWRGGVIYQIYPRSFLDSRGDGVGDLNGITEKLDYVASLNVDGIWLSPFFTSPMLDFGYDVSDYRDVDPMFGTL
EDFKALLEKAHSLGLKVMIDQVISHTSDQHPWFQESRQNRTNPKADWFVWADPKPDGTPPNNWLSIFGGSAWTFDSRRQQ
YYLHNFLTSQPDVNFHHPEARQAQLDNMRFWLDLGVDGFRLNTVNFYFHDAELRDNPPVPKGEAKTLGAPEANPYTWQRH
VYDLSRPENLDFLKDLRALMDEYPGTTTVGEIGDDNPLERMAEYTAGGDKLHMAYTFDLLNMPHSASYLREVIERFQRLA
GDAWPCWATSNHDVVRSATRWGADEDPHAYPKVMLAVLFSLRGSVCLYQGEELGLPEADVPFERIQDPYGKVLWPEFKGR
DGCRTPMPWTDGEQGGFSPVEPWLPMEARHLELAVSRQQDDPNATLNTVRALLAFRRSHPALFDGDLSLVDVGDDLLGFT
RQKGDETLLCVFNLTGQEQQTTLPVEVASDLPVAHFTATRDGSTLTLPAYQAAFMQVA
;
_entity_poly.pdbx_strand_id   A,B
#
# COMPACT_ATOMS: atom_id res chain seq x y z
N ASN A 4 11.83 13.01 30.23
CA ASN A 4 10.66 12.43 29.59
C ASN A 4 10.23 11.15 30.30
N MET A 5 10.04 11.24 31.62
CA MET A 5 9.71 10.06 32.41
C MET A 5 8.22 9.74 32.38
N MET A 6 7.47 10.45 31.53
CA MET A 6 6.05 10.20 31.38
C MET A 6 5.73 9.76 29.96
N TRP A 7 6.73 9.16 29.32
CA TRP A 7 6.60 8.61 27.97
C TRP A 7 5.49 7.56 27.89
N TRP A 8 5.31 6.83 28.98
CA TRP A 8 4.35 5.73 29.02
C TRP A 8 2.90 6.21 29.06
N ARG A 9 2.70 7.43 29.54
CA ARG A 9 1.35 7.96 29.73
C ARG A 9 0.82 8.53 28.42
N GLY A 10 0.48 7.64 27.48
CA GLY A 10 -0.03 8.04 26.19
C GLY A 10 0.76 7.42 25.05
N GLY A 11 1.91 6.86 25.39
CA GLY A 11 2.79 6.25 24.41
C GLY A 11 2.18 5.02 23.75
N VAL A 12 2.72 4.65 22.58
CA VAL A 12 2.23 3.50 21.85
C VAL A 12 3.26 2.36 21.90
N ILE A 13 2.82 1.20 22.38
CA ILE A 13 3.69 0.05 22.54
C ILE A 13 3.37 -1.05 21.54
N TYR A 14 4.40 -1.59 20.90
CA TYR A 14 4.24 -2.64 19.90
C TYR A 14 4.46 -4.02 20.51
N GLN A 15 3.39 -4.81 20.61
CA GLN A 15 3.51 -6.13 21.24
C GLN A 15 4.06 -7.18 20.28
N ILE A 16 5.17 -7.79 20.68
CA ILE A 16 5.78 -8.85 19.90
C ILE A 16 5.57 -10.21 20.57
N TYR A 17 5.06 -11.16 19.81
CA TYR A 17 4.91 -12.55 20.27
C TYR A 17 6.10 -13.34 19.74
N PRO A 18 7.14 -13.51 20.58
CA PRO A 18 8.46 -14.02 20.22
C PRO A 18 8.41 -15.27 19.32
N ARG A 19 7.56 -16.22 19.67
CA ARG A 19 7.42 -17.46 18.92
C ARG A 19 7.09 -17.25 17.44
N SER A 20 6.42 -16.15 17.12
CA SER A 20 5.85 -15.97 15.80
C SER A 20 6.32 -14.69 15.10
N PHE A 21 7.44 -14.14 15.55
CA PHE A 21 7.95 -12.91 14.95
C PHE A 21 8.95 -13.22 13.84
N LEU A 22 10.10 -13.78 14.20
CA LEU A 22 11.08 -14.20 13.21
C LEU A 22 12.01 -15.30 13.73
N ASP A 23 12.12 -16.37 12.96
CA ASP A 23 13.06 -17.45 13.26
C ASP A 23 14.39 -17.21 12.56
N SER A 24 15.43 -16.97 13.35
CA SER A 24 16.74 -16.65 12.79
C SER A 24 17.74 -17.80 12.90
N ARG A 25 17.38 -18.85 13.64
CA ARG A 25 18.30 -19.96 13.85
C ARG A 25 17.92 -21.15 12.95
N GLY A 26 16.64 -21.30 12.64
CA GLY A 26 16.21 -22.30 11.69
C GLY A 26 15.41 -23.47 12.22
N ASP A 27 14.89 -23.34 13.44
CA ASP A 27 14.13 -24.43 14.05
C ASP A 27 12.62 -24.26 13.84
N GLY A 28 12.23 -23.18 13.18
CA GLY A 28 10.83 -22.94 12.88
C GLY A 28 10.12 -22.17 13.97
N VAL A 29 10.87 -21.77 14.99
CA VAL A 29 10.32 -21.00 16.09
C VAL A 29 11.03 -19.65 16.21
N GLY A 30 10.26 -18.59 16.37
CA GLY A 30 10.81 -17.26 16.51
C GLY A 30 11.70 -17.12 17.72
N ASP A 31 12.77 -16.34 17.58
CA ASP A 31 13.73 -16.14 18.66
C ASP A 31 14.06 -14.67 18.86
N LEU A 32 14.87 -14.39 19.86
CA LEU A 32 15.21 -13.01 20.22
C LEU A 32 16.01 -12.31 19.13
N ASN A 33 16.97 -13.04 18.56
CA ASN A 33 17.85 -12.47 17.54
C ASN A 33 17.10 -12.02 16.28
N GLY A 34 15.99 -12.67 15.98
CA GLY A 34 15.13 -12.26 14.88
C GLY A 34 14.50 -10.91 15.17
N ILE A 35 13.98 -10.77 16.39
CA ILE A 35 13.41 -9.52 16.85
C ILE A 35 14.47 -8.42 16.72
N THR A 36 15.69 -8.74 17.15
CA THR A 36 16.82 -7.84 17.03
C THR A 36 17.03 -7.44 15.57
N GLU A 37 16.89 -8.42 14.68
CA GLU A 37 17.07 -8.18 13.25
C GLU A 37 15.96 -7.30 12.68
N LYS A 38 14.80 -7.28 13.32
CA LYS A 38 13.66 -6.52 12.78
C LYS A 38 13.29 -5.30 13.63
N LEU A 39 14.16 -4.94 14.57
CA LEU A 39 13.95 -3.74 15.37
C LEU A 39 13.94 -2.47 14.52
N ASP A 40 14.58 -2.52 13.36
CA ASP A 40 14.54 -1.39 12.43
C ASP A 40 13.13 -1.22 11.89
N TYR A 41 12.52 -2.34 11.49
CA TYR A 41 11.13 -2.35 11.06
C TYR A 41 10.23 -1.82 12.16
N VAL A 42 10.39 -2.37 13.36
CA VAL A 42 9.60 -1.95 14.50
C VAL A 42 9.69 -0.44 14.72
N ALA A 43 10.92 0.07 14.71
CA ALA A 43 11.17 1.50 14.85
C ALA A 43 10.51 2.32 13.74
N SER A 44 10.42 1.74 12.54
CA SER A 44 9.84 2.43 11.40
C SER A 44 8.32 2.60 11.53
N LEU A 45 7.73 1.90 12.49
CA LEU A 45 6.29 2.01 12.76
C LEU A 45 5.94 3.30 13.50
N ASN A 46 6.97 4.02 13.93
CA ASN A 46 6.83 5.23 14.74
C ASN A 46 6.20 4.95 16.10
N VAL A 47 6.31 3.71 16.56
CA VAL A 47 5.89 3.36 17.91
C VAL A 47 6.96 3.77 18.91
N ASP A 48 6.57 3.90 20.18
CA ASP A 48 7.48 4.39 21.21
C ASP A 48 8.26 3.27 21.89
N GLY A 49 7.80 2.03 21.74
CA GLY A 49 8.46 0.90 22.37
C GLY A 49 7.81 -0.44 22.09
N ILE A 50 8.32 -1.48 22.74
CA ILE A 50 7.80 -2.83 22.55
C ILE A 50 7.45 -3.53 23.85
N TRP A 51 6.52 -4.47 23.76
CA TRP A 51 6.20 -5.37 24.86
C TRP A 51 6.46 -6.79 24.39
N LEU A 52 7.40 -7.47 25.05
CA LEU A 52 7.71 -8.85 24.72
C LEU A 52 6.92 -9.82 25.56
N SER A 53 6.20 -10.73 24.90
CA SER A 53 5.57 -11.86 25.57
C SER A 53 6.68 -12.74 26.16
N PRO A 54 6.35 -13.61 27.13
CA PRO A 54 7.39 -14.36 27.85
C PRO A 54 8.37 -15.10 26.95
N PHE A 55 9.66 -14.93 27.25
CA PHE A 55 10.74 -15.61 26.54
C PHE A 55 11.63 -16.31 27.54
N PHE A 56 11.11 -16.49 28.75
CA PHE A 56 11.85 -17.07 29.86
C PHE A 56 11.84 -18.58 29.79
N THR A 57 12.69 -19.23 30.59
CA THR A 57 12.72 -20.68 30.65
C THR A 57 11.34 -21.25 30.99
N SER A 58 10.89 -22.19 30.17
CA SER A 58 9.52 -22.70 30.29
C SER A 58 9.32 -24.00 29.54
N PRO A 59 8.50 -24.90 30.09
CA PRO A 59 8.06 -26.12 29.41
C PRO A 59 7.22 -25.83 28.17
N MET A 60 6.77 -24.58 28.06
CA MET A 60 5.99 -24.10 26.92
C MET A 60 4.63 -24.80 26.79
N LEU A 61 4.12 -25.31 27.91
CA LEU A 61 2.81 -25.93 27.91
C LEU A 61 1.74 -24.85 27.72
N ASP A 62 2.05 -23.64 28.15
CA ASP A 62 1.23 -22.48 27.84
C ASP A 62 2.11 -21.49 27.10
N PHE A 63 3.08 -22.04 26.38
CA PHE A 63 3.98 -21.29 25.50
C PHE A 63 4.55 -20.02 26.12
N GLY A 64 5.30 -20.18 27.21
CA GLY A 64 6.01 -19.08 27.83
C GLY A 64 5.40 -18.61 29.13
N TYR A 65 4.09 -18.77 29.27
CA TYR A 65 3.37 -18.26 30.44
C TYR A 65 3.39 -19.25 31.60
N ASP A 66 4.04 -20.39 31.40
CA ASP A 66 4.33 -21.29 32.50
C ASP A 66 5.84 -21.24 32.78
N VAL A 67 6.23 -20.37 33.69
CA VAL A 67 7.63 -20.03 33.88
C VAL A 67 8.32 -20.92 34.92
N SER A 68 9.47 -21.48 34.55
CA SER A 68 10.23 -22.34 35.44
C SER A 68 11.49 -21.64 35.93
N ASP A 69 11.83 -20.52 35.32
CA ASP A 69 12.98 -19.73 35.73
C ASP A 69 12.77 -18.26 35.34
N TYR A 70 12.51 -17.42 36.34
CA TYR A 70 12.18 -16.02 36.11
C TYR A 70 13.37 -15.18 35.66
N ARG A 71 14.58 -15.67 35.92
CA ARG A 71 15.78 -14.87 35.67
C ARG A 71 16.69 -15.45 34.60
N ASP A 72 16.10 -16.06 33.58
CA ASP A 72 16.88 -16.59 32.46
C ASP A 72 16.02 -16.74 31.21
N VAL A 73 16.68 -16.83 30.06
CA VAL A 73 15.99 -17.02 28.78
C VAL A 73 15.99 -18.49 28.37
N ASP A 74 14.83 -19.00 27.97
CA ASP A 74 14.72 -20.37 27.49
C ASP A 74 15.58 -20.58 26.25
N PRO A 75 16.31 -21.70 26.20
CA PRO A 75 17.21 -22.06 25.10
C PRO A 75 16.55 -21.95 23.73
N MET A 76 15.24 -22.19 23.68
CA MET A 76 14.48 -22.17 22.45
C MET A 76 14.40 -20.76 21.85
N PHE A 77 14.49 -19.74 22.70
CA PHE A 77 14.48 -18.36 22.24
C PHE A 77 15.88 -17.75 22.13
N GLY A 78 16.86 -18.43 22.72
CA GLY A 78 18.23 -17.95 22.70
C GLY A 78 18.84 -17.86 24.07
N THR A 79 19.66 -16.84 24.30
CA THR A 79 20.35 -16.67 25.57
C THR A 79 20.05 -15.32 26.21
N LEU A 80 20.54 -15.12 27.43
CA LEU A 80 20.38 -13.86 28.15
C LEU A 80 21.18 -12.74 27.48
N GLU A 81 22.34 -13.09 26.93
CA GLU A 81 23.19 -12.14 26.25
C GLU A 81 22.52 -11.64 24.98
N ASP A 82 21.80 -12.55 24.32
CA ASP A 82 21.00 -12.22 23.16
C ASP A 82 19.99 -11.14 23.53
N PHE A 83 19.38 -11.31 24.71
CA PHE A 83 18.42 -10.35 25.20
C PHE A 83 19.08 -9.01 25.48
N LYS A 84 20.25 -9.04 26.10
CA LYS A 84 20.99 -7.79 26.34
C LYS A 84 21.27 -7.05 25.04
N ALA A 85 21.65 -7.79 24.00
CA ALA A 85 21.90 -7.21 22.68
C ALA A 85 20.62 -6.59 22.12
N LEU A 86 19.53 -7.33 22.22
CA LEU A 86 18.22 -6.86 21.76
C LEU A 86 17.85 -5.54 22.43
N LEU A 87 18.00 -5.52 23.76
CA LEU A 87 17.67 -4.35 24.57
C LEU A 87 18.53 -3.15 24.20
N GLU A 88 19.82 -3.39 23.98
CA GLU A 88 20.75 -2.31 23.68
C GLU A 88 20.46 -1.71 22.31
N LYS A 89 20.22 -2.57 21.33
CA LYS A 89 19.89 -2.10 19.98
C LYS A 89 18.55 -1.36 19.97
N ALA A 90 17.60 -1.86 20.74
CA ALA A 90 16.29 -1.25 20.83
C ALA A 90 16.39 0.14 21.44
N HIS A 91 17.21 0.26 22.49
CA HIS A 91 17.49 1.56 23.10
C HIS A 91 18.16 2.50 22.11
N SER A 92 19.06 1.96 21.29
CA SER A 92 19.76 2.77 20.30
C SER A 92 18.82 3.33 19.24
N LEU A 93 17.66 2.72 19.06
CA LEU A 93 16.68 3.18 18.09
C LEU A 93 15.59 4.04 18.73
N GLY A 94 15.75 4.34 20.02
CA GLY A 94 14.80 5.17 20.73
C GLY A 94 13.56 4.41 21.18
N LEU A 95 13.63 3.08 21.14
CA LEU A 95 12.52 2.24 21.56
C LEU A 95 12.67 1.82 23.02
N LYS A 96 11.58 1.87 23.77
CA LYS A 96 11.56 1.34 25.12
C LYS A 96 11.26 -0.15 25.05
N VAL A 97 11.79 -0.92 26.01
CA VAL A 97 11.54 -2.35 26.01
C VAL A 97 10.83 -2.78 27.29
N MET A 98 9.61 -3.30 27.11
CA MET A 98 8.87 -3.87 28.23
C MET A 98 8.77 -5.38 28.04
N ILE A 99 8.80 -6.12 29.13
CA ILE A 99 8.69 -7.57 29.07
C ILE A 99 7.58 -8.06 29.96
N ASP A 100 7.06 -9.24 29.65
CA ASP A 100 6.01 -9.85 30.46
C ASP A 100 6.52 -10.24 31.84
N GLN A 101 5.63 -10.20 32.83
CA GLN A 101 5.91 -10.77 34.13
C GLN A 101 4.74 -11.62 34.59
N VAL A 102 5.00 -12.92 34.76
CA VAL A 102 3.95 -13.85 35.15
C VAL A 102 4.20 -14.28 36.58
N ILE A 103 3.87 -13.40 37.53
CA ILE A 103 4.15 -13.65 38.93
C ILE A 103 2.90 -14.13 39.65
N SER A 104 1.81 -14.22 38.90
CA SER A 104 0.56 -14.76 39.43
C SER A 104 0.69 -16.25 39.70
N HIS A 105 1.45 -16.92 38.84
CA HIS A 105 1.58 -18.37 38.89
C HIS A 105 2.85 -18.83 38.18
N THR A 106 3.38 -19.97 38.63
CA THR A 106 4.59 -20.52 38.05
C THR A 106 4.28 -21.84 37.34
N SER A 107 5.23 -22.32 36.55
CA SER A 107 5.16 -23.68 36.04
C SER A 107 5.32 -24.66 37.19
N ASP A 108 4.78 -25.86 37.03
CA ASP A 108 4.94 -26.89 38.07
C ASP A 108 6.37 -27.43 38.06
N GLN A 109 7.13 -27.07 37.03
CA GLN A 109 8.53 -27.46 36.91
C GLN A 109 9.45 -26.46 37.60
N HIS A 110 8.88 -25.36 38.08
CA HIS A 110 9.64 -24.38 38.84
C HIS A 110 10.05 -24.98 40.17
N PRO A 111 11.33 -24.78 40.57
CA PRO A 111 11.91 -25.32 41.81
C PRO A 111 11.06 -25.05 43.04
N TRP A 112 10.43 -23.87 43.09
CA TRP A 112 9.56 -23.50 44.21
C TRP A 112 8.45 -24.52 44.41
N PHE A 113 7.81 -24.93 43.32
CA PHE A 113 6.70 -25.86 43.39
C PHE A 113 7.18 -27.30 43.61
N GLN A 114 8.28 -27.65 42.95
CA GLN A 114 8.92 -28.95 43.15
C GLN A 114 9.21 -29.18 44.63
N GLU A 115 9.70 -28.15 45.30
CA GLU A 115 9.94 -28.21 46.73
C GLU A 115 8.63 -28.21 47.53
N SER A 116 7.74 -27.30 47.15
CA SER A 116 6.47 -27.10 47.86
C SER A 116 5.60 -28.35 47.94
N ARG A 117 5.57 -29.13 46.85
CA ARG A 117 4.61 -30.23 46.73
C ARG A 117 5.02 -31.48 47.50
N GLN A 118 6.24 -31.53 48.00
CA GLN A 118 6.77 -32.73 48.64
C GLN A 118 6.06 -33.06 49.95
N ASN A 119 5.71 -32.04 50.72
CA ASN A 119 5.05 -32.23 52.00
C ASN A 119 4.44 -30.94 52.53
N ARG A 120 3.82 -31.00 53.71
CA ARG A 120 3.11 -29.86 54.27
C ARG A 120 3.98 -28.97 55.16
N THR A 121 5.24 -29.33 55.34
CA THR A 121 6.07 -28.65 56.34
C THR A 121 7.34 -28.02 55.78
N ASN A 122 7.70 -28.36 54.55
CA ASN A 122 8.90 -27.81 53.92
C ASN A 122 8.85 -26.27 53.86
N PRO A 123 10.02 -25.61 53.71
CA PRO A 123 10.08 -24.15 53.72
C PRO A 123 9.12 -23.44 52.77
N LYS A 124 8.83 -24.05 51.62
CA LYS A 124 7.99 -23.40 50.63
C LYS A 124 6.61 -24.04 50.53
N ALA A 125 6.21 -24.75 51.59
CA ALA A 125 4.91 -25.42 51.63
C ALA A 125 3.75 -24.44 51.45
N ASP A 126 3.93 -23.22 51.97
CA ASP A 126 2.87 -22.22 51.94
C ASP A 126 3.09 -21.15 50.87
N TRP A 127 4.08 -21.37 50.00
CA TRP A 127 4.34 -20.43 48.92
C TRP A 127 3.30 -20.57 47.81
N PHE A 128 2.63 -21.73 47.79
CA PHE A 128 1.53 -21.96 46.87
C PHE A 128 0.24 -22.22 47.63
N VAL A 129 -0.87 -22.30 46.91
CA VAL A 129 -2.18 -22.39 47.53
C VAL A 129 -2.64 -23.83 47.70
N TRP A 130 -2.44 -24.38 48.88
CA TRP A 130 -2.85 -25.75 49.18
C TRP A 130 -4.05 -25.77 50.11
N ALA A 131 -4.91 -26.78 49.94
CA ALA A 131 -6.08 -26.93 50.80
C ALA A 131 -6.50 -28.39 50.90
N ASP A 132 -6.97 -28.78 52.07
CA ASP A 132 -7.47 -30.13 52.27
C ASP A 132 -8.70 -30.38 51.41
N PRO A 133 -8.87 -31.64 50.95
CA PRO A 133 -10.11 -32.02 50.26
C PRO A 133 -11.30 -31.93 51.20
N LYS A 134 -12.50 -31.80 50.64
CA LYS A 134 -13.73 -31.95 51.42
C LYS A 134 -13.78 -33.37 51.98
N PRO A 135 -14.66 -33.61 52.98
CA PRO A 135 -14.79 -34.96 53.53
C PRO A 135 -15.03 -36.04 52.47
N ASP A 136 -15.67 -35.68 51.37
CA ASP A 136 -15.93 -36.63 50.30
C ASP A 136 -14.76 -36.69 49.29
N GLY A 137 -13.66 -36.03 49.62
CA GLY A 137 -12.48 -36.10 48.77
C GLY A 137 -12.51 -35.15 47.59
N THR A 138 -13.61 -34.40 47.46
CA THR A 138 -13.78 -33.48 46.34
C THR A 138 -13.03 -32.18 46.59
N PRO A 139 -12.84 -31.35 45.54
CA PRO A 139 -12.19 -30.04 45.68
C PRO A 139 -12.80 -29.18 46.79
N PRO A 140 -11.99 -28.31 47.41
CA PRO A 140 -12.41 -27.46 48.53
C PRO A 140 -13.51 -26.46 48.19
N ASN A 141 -13.62 -26.06 46.93
CA ASN A 141 -14.69 -25.16 46.51
C ASN A 141 -15.04 -25.26 45.03
N ASN A 142 -15.89 -24.35 44.57
CA ASN A 142 -16.46 -24.43 43.22
C ASN A 142 -15.67 -23.66 42.16
N TRP A 143 -14.46 -23.22 42.51
CA TRP A 143 -13.66 -22.42 41.59
C TRP A 143 -13.25 -23.24 40.37
N LEU A 144 -13.34 -22.62 39.19
CA LEU A 144 -13.07 -23.31 37.94
C LEU A 144 -11.83 -22.76 37.24
N SER A 145 -11.09 -23.66 36.60
CA SER A 145 -9.96 -23.26 35.76
C SER A 145 -10.46 -22.69 34.43
N ILE A 146 -9.87 -21.59 33.99
CA ILE A 146 -10.20 -20.99 32.70
C ILE A 146 -9.92 -21.96 31.56
N PHE A 147 -8.93 -22.82 31.75
CA PHE A 147 -8.52 -23.77 30.71
C PHE A 147 -9.18 -25.14 30.89
N GLY A 148 -10.25 -25.18 31.69
CA GLY A 148 -11.04 -26.39 31.81
C GLY A 148 -10.91 -27.11 33.14
N GLY A 149 -12.03 -27.63 33.63
CA GLY A 149 -12.04 -28.39 34.87
C GLY A 149 -12.00 -27.52 36.10
N SER A 150 -11.94 -28.16 37.27
CA SER A 150 -11.83 -27.45 38.53
C SER A 150 -10.51 -26.69 38.61
N ALA A 151 -10.49 -25.62 39.39
CA ALA A 151 -9.27 -24.84 39.63
C ALA A 151 -8.34 -25.57 40.60
N TRP A 152 -8.80 -26.70 41.13
CA TRP A 152 -8.03 -27.46 42.11
C TRP A 152 -7.57 -28.80 41.55
N THR A 153 -6.32 -29.14 41.83
CA THR A 153 -5.77 -30.43 41.39
C THR A 153 -5.17 -31.18 42.57
N PHE A 154 -5.52 -32.45 42.70
CA PHE A 154 -5.07 -33.27 43.82
C PHE A 154 -3.63 -33.73 43.66
N ASP A 155 -2.87 -33.67 44.75
CA ASP A 155 -1.50 -34.18 44.74
C ASP A 155 -1.35 -35.22 45.85
N SER A 156 -0.90 -36.42 45.46
CA SER A 156 -0.83 -37.56 46.39
C SER A 156 0.20 -37.35 47.49
N ARG A 157 1.25 -36.60 47.19
CA ARG A 157 2.33 -36.36 48.15
C ARG A 157 1.84 -35.66 49.41
N ARG A 158 1.00 -34.64 49.24
CA ARG A 158 0.52 -33.85 50.37
C ARG A 158 -0.90 -34.22 50.76
N GLN A 159 -1.53 -35.07 49.95
CA GLN A 159 -2.94 -35.43 50.13
C GLN A 159 -3.79 -34.17 50.18
N GLN A 160 -3.48 -33.22 49.31
CA GLN A 160 -4.17 -31.94 49.26
C GLN A 160 -4.36 -31.47 47.84
N TYR A 161 -5.30 -30.54 47.65
CA TYR A 161 -5.49 -29.89 46.37
C TYR A 161 -4.63 -28.64 46.29
N TYR A 162 -4.12 -28.34 45.11
CA TYR A 162 -3.47 -27.05 44.89
C TYR A 162 -4.26 -26.27 43.85
N LEU A 163 -4.25 -24.95 44.01
CA LEU A 163 -5.05 -24.07 43.16
C LEU A 163 -4.32 -23.70 41.87
N HIS A 164 -5.06 -23.69 40.77
CA HIS A 164 -4.54 -23.20 39.50
C HIS A 164 -5.66 -22.62 38.65
N ASN A 165 -5.61 -21.31 38.43
CA ASN A 165 -6.60 -20.62 37.61
C ASN A 165 -6.53 -21.06 36.16
N PHE A 166 -5.34 -21.45 35.71
CA PHE A 166 -5.14 -21.93 34.35
C PHE A 166 -4.78 -23.41 34.32
N LEU A 167 -3.76 -23.76 33.54
CA LEU A 167 -3.33 -25.16 33.40
C LEU A 167 -3.02 -25.81 34.74
N THR A 168 -3.11 -27.15 34.78
CA THR A 168 -2.70 -27.91 35.94
C THR A 168 -1.21 -27.74 36.18
N SER A 169 -0.49 -27.46 35.10
CA SER A 169 0.95 -27.25 35.18
C SER A 169 1.29 -25.80 35.46
N GLN A 170 0.28 -25.04 35.87
CA GLN A 170 0.48 -23.65 36.28
C GLN A 170 -0.13 -23.36 37.65
N PRO A 171 0.48 -23.89 38.72
CA PRO A 171 0.02 -23.63 40.08
C PRO A 171 0.12 -22.15 40.47
N ASP A 172 -0.93 -21.62 41.08
CA ASP A 172 -0.97 -20.22 41.49
C ASP A 172 -0.16 -19.98 42.77
N VAL A 173 0.50 -18.83 42.82
CA VAL A 173 1.32 -18.45 43.97
C VAL A 173 0.46 -17.92 45.12
N ASN A 174 0.79 -18.34 46.34
CA ASN A 174 0.08 -17.87 47.53
C ASN A 174 0.61 -16.52 47.99
N PHE A 175 -0.03 -15.45 47.52
CA PHE A 175 0.41 -14.08 47.84
C PHE A 175 0.11 -13.69 49.29
N HIS A 176 -0.54 -14.56 50.03
CA HIS A 176 -0.76 -14.32 51.45
C HIS A 176 0.54 -14.58 52.23
N HIS A 177 1.52 -15.18 51.56
CA HIS A 177 2.83 -15.41 52.16
C HIS A 177 3.79 -14.33 51.68
N PRO A 178 4.15 -13.40 52.57
CA PRO A 178 4.92 -12.19 52.24
C PRO A 178 6.25 -12.49 51.56
N GLU A 179 6.90 -13.58 51.95
CA GLU A 179 8.21 -13.93 51.39
C GLU A 179 8.12 -14.32 49.92
N ALA A 180 6.98 -14.88 49.51
CA ALA A 180 6.77 -15.23 48.10
C ALA A 180 6.59 -13.96 47.29
N ARG A 181 5.78 -13.05 47.81
CA ARG A 181 5.59 -11.73 47.23
C ARG A 181 6.93 -11.06 47.01
N GLN A 182 7.75 -11.07 48.07
CA GLN A 182 9.06 -10.46 48.04
C GLN A 182 9.96 -11.14 47.01
N ALA A 183 9.89 -12.46 46.94
CA ALA A 183 10.66 -13.22 45.96
C ALA A 183 10.31 -12.81 44.53
N GLN A 184 9.02 -12.59 44.28
CA GLN A 184 8.56 -12.19 42.96
C GLN A 184 9.00 -10.75 42.66
N LEU A 185 8.90 -9.87 43.65
CA LEU A 185 9.41 -8.51 43.52
C LEU A 185 10.89 -8.51 43.17
N ASP A 186 11.65 -9.39 43.81
CA ASP A 186 13.07 -9.54 43.53
C ASP A 186 13.30 -10.03 42.11
N ASN A 187 12.44 -10.96 41.67
CA ASN A 187 12.51 -11.47 40.30
C ASN A 187 12.29 -10.36 39.28
N MET A 188 11.38 -9.43 39.59
CA MET A 188 11.19 -8.27 38.74
C MET A 188 12.40 -7.34 38.80
N ARG A 189 12.96 -7.17 40.00
CA ARG A 189 14.11 -6.32 40.21
C ARG A 189 15.31 -6.78 39.39
N PHE A 190 15.43 -8.10 39.23
CA PHE A 190 16.50 -8.67 38.41
C PHE A 190 16.48 -8.08 37.01
N TRP A 191 15.29 -7.99 36.44
CA TRP A 191 15.13 -7.48 35.08
C TRP A 191 15.22 -5.97 35.04
N LEU A 192 14.77 -5.32 36.12
CA LEU A 192 14.92 -3.87 36.22
C LEU A 192 16.39 -3.47 36.23
N ASP A 193 17.21 -4.25 36.91
CA ASP A 193 18.65 -4.01 36.99
C ASP A 193 19.34 -4.21 35.64
N LEU A 194 18.68 -4.93 34.73
CA LEU A 194 19.24 -5.16 33.41
C LEU A 194 18.92 -4.00 32.46
N GLY A 195 18.05 -3.09 32.90
CA GLY A 195 17.73 -1.91 32.13
C GLY A 195 16.44 -1.96 31.33
N VAL A 196 15.55 -2.88 31.67
CA VAL A 196 14.26 -2.96 30.99
C VAL A 196 13.42 -1.72 31.34
N ASP A 197 12.61 -1.27 30.39
CA ASP A 197 11.89 -0.01 30.55
C ASP A 197 10.50 -0.21 31.17
N GLY A 198 10.14 -1.45 31.45
CA GLY A 198 8.88 -1.72 32.11
C GLY A 198 8.37 -3.14 32.01
N PHE A 199 7.18 -3.37 32.56
CA PHE A 199 6.58 -4.70 32.60
C PHE A 199 5.12 -4.69 32.19
N ARG A 200 4.72 -5.73 31.45
CA ARG A 200 3.30 -6.05 31.31
C ARG A 200 2.95 -7.08 32.36
N LEU A 201 2.03 -6.74 33.26
CA LEU A 201 1.72 -7.61 34.38
C LEU A 201 0.59 -8.58 34.03
N ASN A 202 0.96 -9.83 33.77
CA ASN A 202 0.00 -10.89 33.47
C ASN A 202 -1.03 -11.07 34.57
N THR A 203 -2.30 -11.04 34.19
CA THR A 203 -3.43 -11.22 35.13
C THR A 203 -3.20 -10.52 36.48
N VAL A 204 -2.98 -9.21 36.43
CA VAL A 204 -2.51 -8.46 37.58
C VAL A 204 -3.49 -8.48 38.77
N ASN A 205 -4.78 -8.66 38.48
CA ASN A 205 -5.78 -8.68 39.54
C ASN A 205 -6.00 -10.08 40.13
N PHE A 206 -5.23 -11.05 39.65
CA PHE A 206 -5.38 -12.43 40.08
C PHE A 206 -4.58 -12.73 41.35
N TYR A 207 -3.59 -11.87 41.62
CA TYR A 207 -2.56 -12.11 42.64
C TYR A 207 -3.07 -12.65 43.98
N PHE A 208 -4.14 -12.04 44.51
CA PHE A 208 -4.69 -12.48 45.77
C PHE A 208 -6.00 -13.26 45.61
N HIS A 209 -6.19 -14.27 46.45
CA HIS A 209 -7.42 -15.03 46.51
C HIS A 209 -7.99 -15.00 47.93
N ASP A 210 -9.28 -15.29 48.07
CA ASP A 210 -9.90 -15.35 49.38
C ASP A 210 -9.35 -16.54 50.18
N ALA A 211 -8.67 -16.23 51.28
CA ALA A 211 -8.08 -17.26 52.14
C ALA A 211 -9.14 -18.11 52.81
N GLU A 212 -10.37 -17.61 52.86
CA GLU A 212 -11.49 -18.37 53.41
C GLU A 212 -12.03 -19.38 52.41
N LEU A 213 -11.55 -19.29 51.17
CA LEU A 213 -11.90 -20.23 50.11
C LEU A 213 -13.40 -20.34 49.88
N ARG A 214 -14.10 -19.20 49.97
CA ARG A 214 -15.54 -19.17 49.77
C ARG A 214 -15.97 -19.43 48.33
N ASP A 215 -17.10 -20.13 48.17
CA ASP A 215 -17.66 -20.41 46.86
C ASP A 215 -18.09 -19.14 46.13
N ASN A 216 -17.84 -19.09 44.82
CA ASN A 216 -18.35 -18.01 43.99
C ASN A 216 -19.84 -18.15 43.74
N PRO A 217 -20.56 -17.02 43.69
CA PRO A 217 -21.98 -17.09 43.30
C PRO A 217 -22.11 -17.22 41.79
N PRO A 218 -23.20 -17.85 41.32
CA PRO A 218 -23.40 -17.96 39.88
C PRO A 218 -23.98 -16.67 39.29
N VAL A 219 -23.72 -16.43 38.01
CA VAL A 219 -24.39 -15.32 37.32
C VAL A 219 -25.81 -15.76 36.97
N PRO A 220 -26.81 -14.97 37.43
CA PRO A 220 -28.21 -15.25 37.12
C PRO A 220 -28.48 -15.23 35.62
N LYS A 221 -29.39 -16.09 35.16
CA LYS A 221 -29.61 -16.28 33.73
C LYS A 221 -30.00 -14.98 33.04
N GLY A 222 -29.41 -14.74 31.87
CA GLY A 222 -29.70 -13.56 31.07
C GLY A 222 -28.72 -12.42 31.27
N GLU A 223 -27.93 -12.48 32.33
CA GLU A 223 -26.96 -11.42 32.61
C GLU A 223 -25.73 -11.65 31.73
N ALA A 224 -24.99 -10.57 31.44
CA ALA A 224 -23.86 -10.68 30.54
C ALA A 224 -22.71 -11.44 31.18
N LYS A 225 -22.01 -12.23 30.37
CA LYS A 225 -20.85 -13.00 30.82
C LYS A 225 -19.59 -12.14 30.79
N THR A 226 -18.53 -12.63 31.44
CA THR A 226 -17.27 -11.92 31.48
C THR A 226 -16.65 -11.81 30.08
N LEU A 227 -15.92 -10.73 29.85
CA LEU A 227 -15.36 -10.44 28.53
C LEU A 227 -14.07 -11.21 28.25
N GLY A 228 -13.45 -11.71 29.31
CA GLY A 228 -12.14 -12.34 29.19
C GLY A 228 -12.17 -13.81 28.85
N ALA A 229 -13.36 -14.32 28.52
CA ALA A 229 -13.51 -15.73 28.22
C ALA A 229 -14.69 -15.98 27.28
N PRO A 230 -14.57 -17.00 26.41
CA PRO A 230 -15.67 -17.36 25.51
C PRO A 230 -16.86 -17.90 26.29
N GLU A 231 -18.07 -17.58 25.83
CA GLU A 231 -19.28 -17.95 26.56
C GLU A 231 -19.48 -19.46 26.65
N ALA A 232 -18.80 -20.20 25.79
CA ALA A 232 -18.86 -21.66 25.80
C ALA A 232 -18.14 -22.24 27.02
N ASN A 233 -17.35 -21.40 27.69
CA ASN A 233 -16.53 -21.82 28.82
C ASN A 233 -17.30 -21.73 30.13
N PRO A 234 -17.42 -22.85 30.85
CA PRO A 234 -18.14 -22.89 32.14
C PRO A 234 -17.56 -21.95 33.19
N TYR A 235 -16.33 -21.47 32.97
CA TYR A 235 -15.72 -20.44 33.80
C TYR A 235 -16.65 -19.23 33.93
N THR A 236 -17.38 -18.95 32.85
CA THR A 236 -18.27 -17.81 32.77
C THR A 236 -19.62 -18.04 33.48
N TRP A 237 -19.77 -19.16 34.18
CA TRP A 237 -21.04 -19.45 34.84
C TRP A 237 -21.13 -18.90 36.26
N GLN A 238 -20.00 -18.49 36.82
CA GLN A 238 -20.00 -17.90 38.16
C GLN A 238 -19.47 -16.48 38.13
N ARG A 239 -19.98 -15.65 39.05
CA ARG A 239 -19.37 -14.35 39.29
C ARG A 239 -18.09 -14.54 40.08
N HIS A 240 -17.01 -13.96 39.59
CA HIS A 240 -15.69 -14.18 40.18
C HIS A 240 -15.33 -13.08 41.16
N VAL A 241 -15.58 -13.34 42.44
CA VAL A 241 -15.35 -12.36 43.50
C VAL A 241 -14.33 -12.86 44.52
N TYR A 242 -14.27 -14.18 44.72
CA TYR A 242 -13.39 -14.76 45.74
C TYR A 242 -12.13 -15.41 45.16
N ASP A 243 -12.18 -15.80 43.89
CA ASP A 243 -11.04 -16.47 43.28
C ASP A 243 -9.99 -15.45 42.81
N LEU A 244 -10.38 -14.18 42.82
CA LEU A 244 -9.50 -13.10 42.39
C LEU A 244 -9.99 -11.74 42.89
N SER A 245 -9.24 -10.69 42.56
CA SER A 245 -9.59 -9.31 42.90
C SER A 245 -9.91 -9.09 44.37
N ARG A 246 -8.95 -9.43 45.23
CA ARG A 246 -9.09 -9.21 46.66
C ARG A 246 -8.54 -7.83 47.04
N PRO A 247 -9.05 -7.26 48.14
CA PRO A 247 -8.62 -5.93 48.57
C PRO A 247 -7.12 -5.84 48.86
N GLU A 248 -6.58 -6.88 49.49
CA GLU A 248 -5.18 -6.92 49.92
C GLU A 248 -4.23 -6.58 48.76
N ASN A 249 -4.64 -6.94 47.54
CA ASN A 249 -3.80 -6.75 46.36
C ASN A 249 -3.38 -5.30 46.22
N LEU A 250 -4.28 -4.38 46.59
CA LEU A 250 -3.98 -2.95 46.52
C LEU A 250 -2.67 -2.67 47.25
N ASP A 251 -2.58 -3.15 48.48
CA ASP A 251 -1.37 -2.95 49.27
C ASP A 251 -0.15 -3.45 48.51
N PHE A 252 -0.26 -4.65 47.95
CA PHE A 252 0.88 -5.24 47.25
C PHE A 252 1.24 -4.38 46.06
N LEU A 253 0.21 -3.86 45.39
CA LEU A 253 0.44 -3.04 44.21
C LEU A 253 1.32 -1.87 44.60
N LYS A 254 1.05 -1.29 45.77
CA LYS A 254 1.84 -0.17 46.25
C LYS A 254 3.29 -0.60 46.33
N ASP A 255 3.53 -1.73 46.99
CA ASP A 255 4.86 -2.30 47.11
C ASP A 255 5.48 -2.42 45.72
N LEU A 256 4.70 -2.96 44.79
CA LEU A 256 5.21 -3.18 43.45
C LEU A 256 5.59 -1.85 42.84
N ARG A 257 4.70 -0.87 42.98
CA ARG A 257 4.94 0.45 42.44
C ARG A 257 6.21 1.02 43.05
N ALA A 258 6.40 0.76 44.35
CA ALA A 258 7.56 1.29 45.04
C ALA A 258 8.82 0.80 44.35
N LEU A 259 8.82 -0.49 44.00
CA LEU A 259 9.96 -1.07 43.30
C LEU A 259 10.20 -0.30 42.02
N MET A 260 9.13 -0.07 41.26
CA MET A 260 9.23 0.62 39.99
C MET A 260 9.76 2.03 40.20
N ASP A 261 9.40 2.61 41.33
CA ASP A 261 9.82 3.98 41.64
C ASP A 261 11.32 4.06 41.86
N GLU A 262 11.94 2.95 42.26
CA GLU A 262 13.39 2.92 42.44
C GLU A 262 14.13 3.05 41.10
N TYR A 263 13.39 2.91 40.01
CA TYR A 263 13.97 2.96 38.68
C TYR A 263 13.20 3.94 37.81
N PRO A 264 13.54 5.23 37.89
CA PRO A 264 12.85 6.31 37.17
C PRO A 264 12.73 6.05 35.67
N GLY A 265 11.57 6.35 35.11
CA GLY A 265 11.33 6.18 33.69
C GLY A 265 10.77 4.82 33.32
N THR A 266 10.70 3.92 34.30
CA THR A 266 10.11 2.60 34.08
C THR A 266 8.60 2.65 34.34
N THR A 267 7.87 1.70 33.76
CA THR A 267 6.41 1.70 33.86
C THR A 267 5.84 0.29 33.97
N THR A 268 4.54 0.20 34.24
CA THR A 268 3.84 -1.08 34.29
C THR A 268 2.46 -0.97 33.63
N VAL A 269 2.12 -1.98 32.83
CA VAL A 269 0.76 -2.10 32.31
C VAL A 269 0.14 -3.41 32.76
N GLY A 270 -0.97 -3.31 33.49
CA GLY A 270 -1.62 -4.49 34.04
C GLY A 270 -2.69 -5.06 33.13
N GLU A 271 -2.75 -6.38 33.04
CA GLU A 271 -3.82 -7.05 32.33
C GLU A 271 -4.98 -7.37 33.29
N ILE A 272 -6.16 -6.85 32.97
CA ILE A 272 -7.31 -7.02 33.83
C ILE A 272 -8.22 -8.14 33.34
N GLY A 273 -8.48 -9.10 34.21
CA GLY A 273 -9.45 -10.15 33.94
C GLY A 273 -10.46 -10.17 35.08
N ASP A 274 -11.55 -9.44 34.90
CA ASP A 274 -12.49 -9.19 35.98
C ASP A 274 -13.91 -9.02 35.44
N ASP A 275 -14.90 -9.25 36.29
CA ASP A 275 -16.30 -9.10 35.91
C ASP A 275 -16.62 -7.65 35.57
N ASN A 276 -15.91 -6.73 36.21
CA ASN A 276 -16.05 -5.31 35.96
C ASN A 276 -14.70 -4.69 35.65
N PRO A 277 -14.19 -4.93 34.42
CA PRO A 277 -12.81 -4.63 34.04
C PRO A 277 -12.45 -3.15 34.09
N LEU A 278 -13.33 -2.28 33.60
CA LEU A 278 -13.08 -0.84 33.64
C LEU A 278 -12.92 -0.32 35.07
N GLU A 279 -13.86 -0.69 35.93
CA GLU A 279 -13.84 -0.27 37.33
C GLU A 279 -12.55 -0.73 38.04
N ARG A 280 -12.18 -1.98 37.79
CA ARG A 280 -10.97 -2.55 38.38
C ARG A 280 -9.70 -1.89 37.85
N MET A 281 -9.70 -1.56 36.56
CA MET A 281 -8.58 -0.87 35.96
C MET A 281 -8.41 0.50 36.59
N ALA A 282 -9.54 1.21 36.77
CA ALA A 282 -9.54 2.50 37.42
C ALA A 282 -8.96 2.38 38.83
N GLU A 283 -9.46 1.40 39.57
CA GLU A 283 -9.03 1.18 40.95
C GLU A 283 -7.54 0.90 41.04
N TYR A 284 -7.04 0.07 40.13
CA TYR A 284 -5.65 -0.36 40.17
C TYR A 284 -4.70 0.72 39.65
N THR A 285 -5.20 1.62 38.81
CA THR A 285 -4.34 2.62 38.21
C THR A 285 -4.49 3.99 38.89
N ALA A 286 -5.40 4.09 39.85
CA ALA A 286 -5.59 5.34 40.58
C ALA A 286 -4.51 5.55 41.64
N GLY A 287 -4.45 6.77 42.17
CA GLY A 287 -3.59 7.10 43.29
C GLY A 287 -2.16 7.45 42.96
N GLY A 288 -1.70 7.06 41.77
CA GLY A 288 -0.33 7.31 41.37
C GLY A 288 0.69 6.56 42.23
N ASP A 289 0.18 5.66 43.07
CA ASP A 289 1.01 4.90 43.99
C ASP A 289 0.90 3.41 43.69
N LYS A 290 0.19 3.09 42.61
CA LYS A 290 -0.02 1.70 42.21
C LYS A 290 0.36 1.49 40.74
N LEU A 291 -0.53 0.88 39.97
CA LEU A 291 -0.24 0.62 38.57
C LEU A 291 -0.18 1.91 37.76
N HIS A 292 0.76 1.98 36.83
CA HIS A 292 0.87 3.12 35.93
C HIS A 292 -0.31 3.13 34.97
N MET A 293 -0.59 1.97 34.38
CA MET A 293 -1.69 1.83 33.43
C MET A 293 -2.17 0.38 33.37
N ALA A 294 -3.33 0.16 32.78
CA ALA A 294 -3.87 -1.19 32.61
C ALA A 294 -4.79 -1.26 31.40
N TYR A 295 -4.92 -2.46 30.81
CA TYR A 295 -5.84 -2.66 29.71
C TYR A 295 -6.91 -3.69 30.05
N THR A 296 -8.06 -3.58 29.37
CA THR A 296 -9.18 -4.48 29.59
C THR A 296 -9.62 -5.15 28.30
N PHE A 297 -10.59 -6.05 28.40
CA PHE A 297 -11.09 -6.78 27.25
C PHE A 297 -12.34 -6.12 26.65
N ASP A 298 -12.62 -4.90 27.07
CA ASP A 298 -13.78 -4.17 26.56
C ASP A 298 -13.66 -3.93 25.06
N LEU A 299 -12.45 -3.63 24.59
CA LEU A 299 -12.19 -3.47 23.17
C LEU A 299 -11.57 -4.72 22.56
N LEU A 300 -11.61 -5.82 23.31
CA LEU A 300 -11.04 -7.07 22.85
C LEU A 300 -12.11 -8.13 22.65
N ASN A 301 -13.35 -7.69 22.46
CA ASN A 301 -14.47 -8.62 22.28
C ASN A 301 -15.20 -8.40 20.95
N MET A 302 -16.50 -8.67 20.93
CA MET A 302 -17.27 -8.62 19.70
C MET A 302 -17.92 -7.26 19.40
N PRO A 303 -18.51 -6.59 20.42
CA PRO A 303 -19.08 -5.27 20.08
C PRO A 303 -18.02 -4.30 19.54
N HIS A 304 -18.40 -3.46 18.58
CA HIS A 304 -17.46 -2.57 17.94
C HIS A 304 -18.11 -1.39 17.22
N SER A 305 -19.39 -1.18 17.49
CA SER A 305 -20.09 -0.04 16.89
C SER A 305 -19.62 1.27 17.53
N ALA A 306 -19.93 2.38 16.86
CA ALA A 306 -19.58 3.70 17.39
C ALA A 306 -20.31 3.94 18.71
N SER A 307 -21.54 3.47 18.78
CA SER A 307 -22.36 3.62 19.98
C SER A 307 -21.75 2.85 21.15
N TYR A 308 -21.26 1.64 20.87
CA TYR A 308 -20.56 0.84 21.87
C TYR A 308 -19.33 1.57 22.42
N LEU A 309 -18.53 2.12 21.51
CA LEU A 309 -17.35 2.88 21.89
C LEU A 309 -17.74 4.07 22.76
N ARG A 310 -18.86 4.69 22.40
CA ARG A 310 -19.41 5.78 23.21
C ARG A 310 -19.74 5.29 24.61
N GLU A 311 -20.36 4.11 24.71
CA GLU A 311 -20.71 3.55 26.01
C GLU A 311 -19.47 3.28 26.85
N VAL A 312 -18.43 2.74 26.22
CA VAL A 312 -17.17 2.46 26.90
C VAL A 312 -16.52 3.74 27.43
N ILE A 313 -16.43 4.75 26.56
CA ILE A 313 -15.82 6.02 26.92
C ILE A 313 -16.60 6.72 28.04
N GLU A 314 -17.92 6.75 27.91
CA GLU A 314 -18.78 7.34 28.94
C GLU A 314 -18.59 6.64 30.28
N ARG A 315 -18.65 5.31 30.25
CA ARG A 315 -18.47 4.50 31.45
C ARG A 315 -17.14 4.76 32.12
N PHE A 316 -16.07 4.82 31.33
CA PHE A 316 -14.74 5.09 31.87
C PHE A 316 -14.61 6.49 32.43
N GLN A 317 -15.27 7.46 31.80
CA GLN A 317 -15.19 8.85 32.24
C GLN A 317 -15.93 9.08 33.56
N ARG A 318 -16.83 8.16 33.90
CA ARG A 318 -17.52 8.23 35.19
C ARG A 318 -16.68 7.70 36.34
N LEU A 319 -15.58 7.02 36.01
CA LEU A 319 -14.71 6.44 37.02
C LEU A 319 -13.65 7.45 37.49
N ALA A 320 -12.71 6.98 38.29
CA ALA A 320 -11.66 7.83 38.86
C ALA A 320 -10.89 8.56 37.76
N GLY A 321 -10.86 9.89 37.86
CA GLY A 321 -10.21 10.71 36.86
C GLY A 321 -8.69 10.63 36.85
N ASP A 322 -8.11 10.05 37.89
CA ASP A 322 -6.67 9.96 38.00
C ASP A 322 -6.19 8.64 37.40
N ALA A 323 -7.13 7.79 37.02
CA ALA A 323 -6.81 6.52 36.39
C ALA A 323 -6.29 6.75 34.97
N TRP A 324 -5.56 5.78 34.44
CA TRP A 324 -5.05 5.87 33.08
C TRP A 324 -5.12 4.54 32.35
N PRO A 325 -5.87 4.49 31.24
CA PRO A 325 -6.11 3.28 30.47
C PRO A 325 -5.05 3.01 29.40
N CYS A 326 -4.85 1.75 29.07
CA CYS A 326 -4.13 1.37 27.88
C CYS A 326 -5.09 0.65 26.95
N TRP A 327 -5.19 1.10 25.71
CA TRP A 327 -6.16 0.52 24.78
C TRP A 327 -5.53 -0.45 23.80
N ALA A 328 -6.21 -1.57 23.58
CA ALA A 328 -5.77 -2.59 22.65
C ALA A 328 -6.96 -3.24 21.96
N THR A 329 -6.83 -3.47 20.66
CA THR A 329 -7.89 -4.11 19.90
C THR A 329 -7.48 -5.51 19.47
N SER A 330 -6.23 -5.88 19.77
CA SER A 330 -5.72 -7.21 19.46
C SER A 330 -4.56 -7.61 20.35
N ASN A 331 -4.47 -8.91 20.65
CA ASN A 331 -3.31 -9.48 21.30
C ASN A 331 -3.22 -10.98 21.03
N HIS A 332 -2.38 -11.68 21.78
CA HIS A 332 -2.15 -13.10 21.57
C HIS A 332 -3.26 -13.98 22.13
N ASP A 333 -4.29 -13.37 22.71
CA ASP A 333 -5.36 -14.13 23.35
C ASP A 333 -6.71 -14.02 22.65
N VAL A 334 -6.80 -13.12 21.67
CA VAL A 334 -8.07 -12.87 21.01
C VAL A 334 -7.95 -12.94 19.50
N VAL A 335 -9.08 -13.08 18.83
CA VAL A 335 -9.13 -13.08 17.38
C VAL A 335 -8.66 -11.73 16.86
N ARG A 336 -7.84 -11.75 15.81
CA ARG A 336 -7.30 -10.52 15.22
C ARG A 336 -8.40 -9.52 14.92
N SER A 337 -8.12 -8.25 15.19
CA SER A 337 -9.12 -7.19 15.12
C SER A 337 -9.76 -7.05 13.74
N ALA A 338 -8.96 -7.24 12.70
CA ALA A 338 -9.44 -7.13 11.33
C ALA A 338 -10.55 -8.16 11.05
N THR A 339 -10.52 -9.27 11.77
CA THR A 339 -11.53 -10.30 11.62
C THR A 339 -12.60 -10.20 12.71
N ARG A 340 -12.17 -10.08 13.96
CA ARG A 340 -13.09 -10.05 15.10
C ARG A 340 -14.07 -8.88 15.01
N TRP A 341 -13.56 -7.73 14.58
CA TRP A 341 -14.39 -6.55 14.44
C TRP A 341 -14.83 -6.31 13.00
N GLY A 342 -13.93 -6.55 12.05
CA GLY A 342 -14.15 -6.16 10.67
C GLY A 342 -14.42 -7.30 9.70
N ALA A 343 -15.05 -8.37 10.18
CA ALA A 343 -15.38 -9.50 9.34
C ALA A 343 -16.39 -9.12 8.25
N ASP A 344 -17.35 -8.28 8.63
CA ASP A 344 -18.40 -7.86 7.71
C ASP A 344 -18.08 -6.49 7.13
N GLU A 345 -16.81 -6.15 7.10
CA GLU A 345 -16.37 -4.86 6.57
C GLU A 345 -15.30 -5.06 5.51
N ASP A 346 -14.95 -3.99 4.80
CA ASP A 346 -13.89 -4.04 3.79
C ASP A 346 -12.56 -4.39 4.46
N PRO A 347 -11.90 -5.45 3.96
CA PRO A 347 -10.67 -5.94 4.60
C PRO A 347 -9.48 -5.01 4.42
N HIS A 348 -9.58 -4.08 3.48
CA HIS A 348 -8.48 -3.16 3.20
C HIS A 348 -8.72 -1.77 3.82
N ALA A 349 -9.99 -1.40 3.96
CA ALA A 349 -10.33 -0.06 4.42
C ALA A 349 -10.60 0.03 5.93
N TYR A 350 -11.31 -0.95 6.47
CA TYR A 350 -11.73 -0.91 7.87
C TYR A 350 -10.59 -0.91 8.89
N PRO A 351 -9.53 -1.73 8.69
CA PRO A 351 -8.44 -1.65 9.67
C PRO A 351 -7.85 -0.26 9.82
N LYS A 352 -7.85 0.53 8.75
CA LYS A 352 -7.30 1.88 8.79
C LYS A 352 -8.07 2.79 9.74
N VAL A 353 -9.39 2.83 9.58
CA VAL A 353 -10.22 3.69 10.41
C VAL A 353 -10.30 3.16 11.84
N MET A 354 -10.29 1.83 11.99
CA MET A 354 -10.29 1.21 13.31
C MET A 354 -9.04 1.62 14.08
N LEU A 355 -7.89 1.48 13.43
CA LEU A 355 -6.62 1.84 14.04
C LEU A 355 -6.53 3.35 14.27
N ALA A 356 -7.22 4.12 13.43
CA ALA A 356 -7.31 5.57 13.65
C ALA A 356 -8.03 5.86 14.96
N VAL A 357 -9.16 5.18 15.16
CA VAL A 357 -9.91 5.29 16.41
C VAL A 357 -9.04 4.90 17.59
N LEU A 358 -8.39 3.74 17.49
CA LEU A 358 -7.48 3.26 18.53
C LEU A 358 -6.42 4.30 18.88
N PHE A 359 -5.82 4.90 17.86
CA PHE A 359 -4.74 5.85 18.06
C PHE A 359 -5.24 7.22 18.52
N SER A 360 -6.56 7.43 18.42
CA SER A 360 -7.12 8.73 18.79
C SER A 360 -7.80 8.74 20.16
N LEU A 361 -7.95 7.56 20.76
CA LEU A 361 -8.55 7.47 22.08
C LEU A 361 -7.63 8.03 23.16
N ARG A 362 -8.22 8.51 24.25
CA ARG A 362 -7.44 9.05 25.36
C ARG A 362 -6.85 7.93 26.21
N GLY A 363 -5.54 7.73 26.08
CA GLY A 363 -4.86 6.70 26.85
C GLY A 363 -3.66 6.17 26.09
N SER A 364 -3.00 5.17 26.66
CA SER A 364 -1.90 4.50 25.96
C SER A 364 -2.48 3.52 24.95
N VAL A 365 -1.61 2.97 24.10
CA VAL A 365 -2.05 2.04 23.07
C VAL A 365 -1.17 0.79 23.03
N CYS A 366 -1.80 -0.36 22.90
CA CYS A 366 -1.08 -1.58 22.57
C CYS A 366 -1.41 -2.01 21.15
N LEU A 367 -0.40 -2.12 20.31
CA LEU A 367 -0.57 -2.48 18.92
C LEU A 367 0.06 -3.85 18.68
N TYR A 368 -0.77 -4.82 18.31
CA TYR A 368 -0.33 -6.20 18.20
C TYR A 368 0.38 -6.44 16.87
N GLN A 369 1.43 -7.28 16.90
CA GLN A 369 2.17 -7.62 15.70
C GLN A 369 1.24 -8.19 14.61
N GLY A 370 1.25 -7.55 13.45
CA GLY A 370 0.43 -7.98 12.33
C GLY A 370 -0.83 -7.16 12.19
N GLU A 371 -1.26 -6.55 13.28
CA GLU A 371 -2.43 -5.67 13.27
C GLU A 371 -2.19 -4.47 12.36
N GLU A 372 -0.93 -4.03 12.31
CA GLU A 372 -0.54 -2.91 11.47
C GLU A 372 -0.53 -3.29 9.99
N LEU A 373 -0.65 -4.58 9.72
CA LEU A 373 -0.73 -5.07 8.34
C LEU A 373 -2.18 -5.35 7.95
N GLY A 374 -3.09 -5.18 8.92
CA GLY A 374 -4.49 -5.49 8.70
C GLY A 374 -4.70 -6.97 8.48
N LEU A 375 -3.83 -7.77 9.10
CA LEU A 375 -3.90 -9.23 8.98
C LEU A 375 -5.19 -9.79 9.54
N PRO A 376 -5.86 -10.64 8.75
CA PRO A 376 -7.07 -11.34 9.22
C PRO A 376 -6.70 -12.54 10.09
N GLU A 377 -7.66 -13.01 10.89
CA GLU A 377 -7.44 -14.21 11.70
C GLU A 377 -7.15 -15.39 10.79
N ALA A 378 -6.11 -16.14 11.14
CA ALA A 378 -5.71 -17.30 10.34
C ALA A 378 -6.50 -18.55 10.74
N ASP A 379 -6.72 -19.43 9.77
CA ASP A 379 -7.39 -20.69 10.02
C ASP A 379 -6.38 -21.80 10.27
N VAL A 380 -6.28 -22.22 11.52
CA VAL A 380 -5.36 -23.29 11.89
C VAL A 380 -6.13 -24.61 11.94
N PRO A 381 -5.73 -25.57 11.10
CA PRO A 381 -6.39 -26.88 11.08
C PRO A 381 -6.18 -27.64 12.39
N PHE A 382 -7.14 -28.51 12.71
CA PHE A 382 -7.13 -29.30 13.95
C PHE A 382 -5.79 -29.97 14.25
N GLU A 383 -5.22 -30.63 13.25
CA GLU A 383 -3.97 -31.35 13.41
C GLU A 383 -2.77 -30.44 13.65
N ARG A 384 -2.95 -29.14 13.46
CA ARG A 384 -1.86 -28.18 13.64
C ARG A 384 -2.02 -27.35 14.91
N ILE A 385 -3.11 -27.57 15.63
CA ILE A 385 -3.39 -26.84 16.87
C ILE A 385 -2.28 -27.07 17.90
N GLN A 386 -1.85 -26.00 18.56
CA GLN A 386 -0.80 -26.09 19.57
C GLN A 386 -1.32 -25.65 20.95
N ASP A 387 -2.06 -24.55 20.97
CA ASP A 387 -2.63 -24.00 22.20
C ASP A 387 -3.54 -25.01 22.90
N PRO A 388 -3.18 -25.40 24.13
CA PRO A 388 -4.00 -26.33 24.93
C PRO A 388 -5.41 -25.79 25.18
N TYR A 389 -5.55 -24.46 25.15
CA TYR A 389 -6.85 -23.81 25.29
C TYR A 389 -7.73 -24.07 24.07
N GLY A 390 -7.14 -24.66 23.04
CA GLY A 390 -7.87 -25.00 21.84
C GLY A 390 -8.25 -26.46 21.77
N LYS A 391 -7.94 -27.20 22.83
CA LYS A 391 -8.20 -28.64 22.86
C LYS A 391 -9.17 -29.01 23.99
N VAL A 392 -9.88 -28.01 24.51
CA VAL A 392 -10.78 -28.25 25.64
C VAL A 392 -12.23 -27.88 25.34
N LEU A 393 -12.44 -26.94 24.42
CA LEU A 393 -13.79 -26.51 24.06
C LEU A 393 -14.02 -26.56 22.55
N TRP A 394 -13.28 -27.43 21.88
CA TRP A 394 -13.41 -27.62 20.44
C TRP A 394 -14.76 -28.29 20.14
N PRO A 395 -15.45 -27.81 19.09
CA PRO A 395 -15.06 -26.73 18.19
C PRO A 395 -15.72 -25.37 18.51
N GLU A 396 -16.56 -25.32 19.54
CA GLU A 396 -17.21 -24.07 19.94
C GLU A 396 -16.18 -22.96 20.15
N PHE A 397 -15.05 -23.32 20.74
CA PHE A 397 -13.92 -22.41 20.86
C PHE A 397 -12.65 -23.14 20.43
N LYS A 398 -11.92 -22.56 19.48
CA LYS A 398 -10.82 -23.25 18.83
C LYS A 398 -9.45 -22.76 19.30
N GLY A 399 -9.43 -22.11 20.45
CA GLY A 399 -8.19 -21.64 21.03
C GLY A 399 -7.71 -20.31 20.48
N ARG A 400 -6.41 -20.06 20.62
CA ARG A 400 -5.84 -18.76 20.31
C ARG A 400 -4.79 -18.83 19.21
N ASP A 401 -4.62 -20.01 18.63
CA ASP A 401 -3.61 -20.23 17.59
C ASP A 401 -3.81 -19.34 16.36
N GLY A 402 -5.06 -18.96 16.10
CA GLY A 402 -5.41 -18.17 14.94
C GLY A 402 -4.72 -16.82 14.86
N CYS A 403 -4.40 -16.25 16.03
CA CYS A 403 -3.74 -14.95 16.10
C CYS A 403 -2.26 -15.09 16.45
N ARG A 404 -1.78 -16.33 16.48
CA ARG A 404 -0.39 -16.60 16.87
C ARG A 404 0.42 -17.18 15.70
N THR A 405 -0.18 -17.18 14.52
CA THR A 405 0.50 -17.65 13.32
C THR A 405 1.67 -16.74 12.96
N PRO A 406 2.73 -17.30 12.35
CA PRO A 406 3.98 -16.58 12.08
C PRO A 406 3.81 -15.28 11.28
N MET A 407 4.74 -14.35 11.48
CA MET A 407 4.71 -13.05 10.83
C MET A 407 5.10 -13.13 9.36
N PRO A 408 4.27 -12.53 8.48
CA PRO A 408 4.54 -12.53 7.05
C PRO A 408 5.50 -11.42 6.62
N TRP A 409 6.79 -11.73 6.51
CA TRP A 409 7.77 -10.74 6.10
C TRP A 409 7.83 -10.58 4.58
N THR A 410 7.83 -11.70 3.87
CA THR A 410 7.79 -11.69 2.42
C THR A 410 6.63 -12.52 1.89
N ASP A 411 6.42 -12.48 0.58
CA ASP A 411 5.38 -13.29 -0.05
C ASP A 411 5.96 -14.61 -0.56
N GLY A 412 7.20 -14.89 -0.16
CA GLY A 412 7.90 -16.09 -0.58
C GLY A 412 7.54 -17.30 0.28
N GLU A 413 8.44 -18.28 0.31
CA GLU A 413 8.23 -19.49 1.06
C GLU A 413 8.14 -19.22 2.56
N GLN A 414 7.09 -19.75 3.18
CA GLN A 414 6.84 -19.57 4.61
C GLN A 414 6.80 -18.11 5.03
N GLY A 415 6.49 -17.23 4.08
CA GLY A 415 6.47 -15.80 4.34
C GLY A 415 7.81 -15.22 4.74
N GLY A 416 8.87 -15.98 4.50
CA GLY A 416 10.21 -15.55 4.85
C GLY A 416 10.44 -15.62 6.35
N PHE A 417 9.49 -16.24 7.05
CA PHE A 417 9.57 -16.37 8.51
C PHE A 417 10.62 -17.41 8.92
N SER A 418 10.71 -18.51 8.17
CA SER A 418 11.59 -19.61 8.54
C SER A 418 11.97 -20.47 7.34
N PRO A 419 13.19 -21.02 7.35
CA PRO A 419 13.66 -21.91 6.28
C PRO A 419 13.04 -23.31 6.37
N VAL A 420 12.39 -23.59 7.51
CA VAL A 420 11.69 -24.86 7.69
C VAL A 420 10.23 -24.61 8.05
N GLU A 421 9.47 -25.69 8.24
CA GLU A 421 8.07 -25.56 8.61
C GLU A 421 7.96 -25.02 10.04
N PRO A 422 7.29 -23.86 10.19
CA PRO A 422 7.16 -23.18 11.48
C PRO A 422 6.25 -23.92 12.46
N TRP A 423 6.31 -23.53 13.73
CA TRP A 423 5.58 -24.24 14.79
C TRP A 423 4.07 -24.12 14.58
N LEU A 424 3.65 -23.04 13.92
CA LEU A 424 2.28 -22.90 13.45
C LEU A 424 2.31 -22.60 11.96
N PRO A 425 1.32 -23.09 11.21
CA PRO A 425 1.33 -22.91 9.76
C PRO A 425 1.15 -21.44 9.36
N MET A 426 1.99 -20.99 8.42
CA MET A 426 1.83 -19.67 7.83
C MET A 426 0.51 -19.60 7.06
N GLU A 427 -0.26 -18.54 7.32
CA GLU A 427 -1.55 -18.38 6.66
C GLU A 427 -1.33 -17.88 5.24
N ALA A 428 -1.97 -18.54 4.28
CA ALA A 428 -1.83 -18.21 2.86
C ALA A 428 -2.19 -16.76 2.57
N ARG A 429 -3.35 -16.32 3.07
CA ARG A 429 -3.85 -14.98 2.83
C ARG A 429 -2.88 -13.91 3.33
N HIS A 430 -2.08 -14.26 4.34
CA HIS A 430 -1.14 -13.31 4.91
C HIS A 430 -0.01 -12.99 3.93
N LEU A 431 0.26 -13.91 3.00
CA LEU A 431 1.41 -13.77 2.09
C LEU A 431 1.34 -12.50 1.24
N GLU A 432 0.17 -12.19 0.70
CA GLU A 432 0.03 -10.99 -0.13
C GLU A 432 -0.15 -9.74 0.72
N LEU A 433 -0.24 -9.93 2.04
CA LEU A 433 -0.29 -8.80 2.96
C LEU A 433 1.02 -8.66 3.72
N ALA A 434 2.04 -9.36 3.24
CA ALA A 434 3.35 -9.39 3.89
C ALA A 434 3.98 -8.00 3.97
N VAL A 435 5.00 -7.87 4.80
CA VAL A 435 5.69 -6.60 5.01
C VAL A 435 6.34 -6.08 3.72
N SER A 436 6.98 -6.98 2.98
CA SER A 436 7.67 -6.61 1.74
C SER A 436 6.69 -6.14 0.67
N ARG A 437 5.51 -6.75 0.64
CA ARG A 437 4.49 -6.40 -0.35
C ARG A 437 3.80 -5.10 0.02
N GLN A 438 4.01 -4.66 1.25
CA GLN A 438 3.21 -3.61 1.85
C GLN A 438 4.08 -2.40 2.22
N GLN A 439 5.39 -2.59 2.23
CA GLN A 439 6.35 -1.57 2.66
C GLN A 439 6.30 -0.30 1.84
N ASP A 440 6.32 -0.43 0.51
CA ASP A 440 6.40 0.74 -0.35
C ASP A 440 5.07 1.04 -1.02
N ASP A 441 3.99 0.56 -0.40
CA ASP A 441 2.64 0.85 -0.87
C ASP A 441 2.03 1.90 0.07
N PRO A 442 1.81 3.11 -0.44
CA PRO A 442 1.28 4.23 0.35
C PRO A 442 -0.21 4.08 0.63
N ASN A 443 -0.87 3.16 -0.07
CA ASN A 443 -2.29 2.93 0.10
C ASN A 443 -2.56 1.74 1.00
N ALA A 444 -1.47 1.05 1.38
CA ALA A 444 -1.55 -0.13 2.23
C ALA A 444 -1.62 0.25 3.70
N THR A 445 -2.23 -0.61 4.50
CA THR A 445 -2.52 -0.33 5.91
C THR A 445 -1.29 0.02 6.73
N LEU A 446 -0.15 -0.62 6.43
CA LEU A 446 1.11 -0.36 7.11
C LEU A 446 1.48 1.12 7.14
N ASN A 447 1.50 1.74 5.96
CA ASN A 447 1.91 3.13 5.84
C ASN A 447 0.83 4.06 6.38
N THR A 448 -0.41 3.60 6.35
CA THR A 448 -1.50 4.31 7.02
C THR A 448 -1.20 4.39 8.51
N VAL A 449 -0.71 3.28 9.07
CA VAL A 449 -0.34 3.22 10.48
C VAL A 449 0.84 4.13 10.78
N ARG A 450 1.87 4.05 9.95
CA ARG A 450 3.03 4.92 10.09
C ARG A 450 2.64 6.39 10.11
N ALA A 451 1.84 6.79 9.13
CA ALA A 451 1.41 8.18 8.99
C ALA A 451 0.55 8.60 10.17
N LEU A 452 -0.37 7.73 10.57
CA LEU A 452 -1.24 7.99 11.72
C LEU A 452 -0.45 8.19 13.00
N LEU A 453 0.59 7.39 13.20
CA LEU A 453 1.37 7.48 14.43
C LEU A 453 2.32 8.68 14.42
N ALA A 454 2.82 9.05 13.25
CA ALA A 454 3.61 10.27 13.14
C ALA A 454 2.72 11.48 13.42
N PHE A 455 1.52 11.45 12.85
CA PHE A 455 0.51 12.47 13.04
C PHE A 455 0.17 12.62 14.52
N ARG A 456 -0.11 11.49 15.17
CA ARG A 456 -0.37 11.45 16.59
C ARG A 456 0.82 12.02 17.38
N ARG A 457 2.02 11.71 16.91
CA ARG A 457 3.24 12.15 17.58
C ARG A 457 3.43 13.66 17.47
N SER A 458 2.88 14.26 16.42
CA SER A 458 3.09 15.67 16.17
C SER A 458 2.07 16.56 16.88
N HIS A 459 1.13 15.94 17.60
CA HIS A 459 0.08 16.69 18.28
C HIS A 459 -0.03 16.33 19.76
N PRO A 460 0.27 17.30 20.64
CA PRO A 460 0.22 17.13 22.10
C PRO A 460 -1.14 16.63 22.59
N ALA A 461 -2.22 17.10 21.96
CA ALA A 461 -3.57 16.73 22.38
C ALA A 461 -3.86 15.25 22.19
N LEU A 462 -3.17 14.63 21.22
CA LEU A 462 -3.39 13.21 20.93
C LEU A 462 -2.46 12.31 21.74
N PHE A 463 -1.58 12.93 22.53
CA PHE A 463 -0.70 12.17 23.41
C PHE A 463 -1.40 11.84 24.72
N ASP A 464 -1.77 12.89 25.47
CA ASP A 464 -2.41 12.72 26.76
C ASP A 464 -3.46 13.80 27.01
N GLY A 465 -4.03 14.34 25.94
CA GLY A 465 -5.03 15.39 26.06
C GLY A 465 -6.36 14.86 26.58
N ASP A 466 -7.17 15.76 27.14
CA ASP A 466 -8.50 15.41 27.62
C ASP A 466 -9.40 15.01 26.45
N LEU A 467 -10.42 14.19 26.74
CA LEU A 467 -11.35 13.75 25.69
C LEU A 467 -12.78 14.11 26.05
N SER A 468 -13.51 14.67 25.09
CA SER A 468 -14.89 15.05 25.31
C SER A 468 -15.79 14.60 24.16
N LEU A 469 -16.73 13.69 24.45
CA LEU A 469 -17.64 13.20 23.43
C LEU A 469 -18.54 14.32 22.93
N VAL A 470 -18.81 14.31 21.62
CA VAL A 470 -19.67 15.31 21.00
C VAL A 470 -20.69 14.66 20.06
N ASP A 471 -21.81 15.35 19.83
CA ASP A 471 -22.87 14.80 19.00
C ASP A 471 -22.46 14.85 17.54
N VAL A 472 -22.40 13.67 16.91
CA VAL A 472 -21.90 13.54 15.54
C VAL A 472 -22.82 12.54 14.81
N GLY A 473 -23.93 12.23 15.45
CA GLY A 473 -24.89 11.29 14.88
C GLY A 473 -24.72 9.87 15.39
N ASP A 474 -25.71 9.04 15.10
CA ASP A 474 -25.73 7.67 15.59
C ASP A 474 -24.71 6.75 14.92
N ASP A 475 -24.39 7.04 13.66
CA ASP A 475 -23.52 6.15 12.88
C ASP A 475 -22.08 6.66 12.78
N LEU A 476 -21.74 7.67 13.58
CA LEU A 476 -20.38 8.20 13.61
C LEU A 476 -19.84 8.28 15.04
N LEU A 477 -18.52 8.21 15.17
CA LEU A 477 -17.91 8.39 16.49
C LEU A 477 -17.14 9.70 16.52
N GLY A 478 -17.51 10.60 17.41
CA GLY A 478 -16.87 11.90 17.45
C GLY A 478 -16.51 12.37 18.84
N PHE A 479 -15.32 12.95 18.96
CA PHE A 479 -14.91 13.54 20.22
C PHE A 479 -13.80 14.56 20.03
N THR A 480 -13.60 15.42 21.02
CA THR A 480 -12.53 16.40 20.98
C THR A 480 -11.40 16.01 21.93
N ARG A 481 -10.17 16.27 21.49
CA ARG A 481 -9.01 16.07 22.35
C ARG A 481 -8.35 17.42 22.61
N GLN A 482 -8.17 17.77 23.87
CA GLN A 482 -7.66 19.10 24.21
C GLN A 482 -6.47 19.09 25.17
N LYS A 483 -5.44 19.85 24.81
CA LYS A 483 -4.32 20.11 25.69
C LYS A 483 -3.67 21.44 25.34
N GLY A 484 -3.74 22.39 26.27
CA GLY A 484 -3.21 23.72 26.03
C GLY A 484 -3.85 24.45 24.86
N ASP A 485 -3.01 25.01 24.00
CA ASP A 485 -3.46 25.75 22.83
C ASP A 485 -4.31 24.88 21.89
N GLU A 486 -3.98 23.60 21.85
CA GLU A 486 -4.51 22.71 20.82
C GLU A 486 -5.79 21.97 21.21
N THR A 487 -6.85 22.17 20.44
CA THR A 487 -8.06 21.39 20.58
C THR A 487 -8.42 20.79 19.22
N LEU A 488 -8.45 19.47 19.14
CA LEU A 488 -8.70 18.78 17.89
C LEU A 488 -10.06 18.07 17.89
N LEU A 489 -10.75 18.13 16.77
CA LEU A 489 -12.00 17.40 16.59
C LEU A 489 -11.75 16.15 15.76
N CYS A 490 -12.05 15.00 16.36
CA CYS A 490 -11.84 13.72 15.70
C CYS A 490 -13.19 13.06 15.41
N VAL A 491 -13.43 12.77 14.13
CA VAL A 491 -14.67 12.14 13.69
C VAL A 491 -14.35 10.88 12.87
N PHE A 492 -15.02 9.78 13.18
CA PHE A 492 -14.72 8.50 12.56
C PHE A 492 -15.97 7.82 12.02
N ASN A 493 -15.88 7.37 10.77
CA ASN A 493 -16.89 6.57 10.13
C ASN A 493 -16.45 5.11 10.08
N LEU A 494 -17.05 4.28 10.92
CA LEU A 494 -16.67 2.86 10.98
C LEU A 494 -17.56 2.01 10.08
N THR A 495 -18.47 2.64 9.35
CA THR A 495 -19.40 1.91 8.51
C THR A 495 -18.97 1.90 7.05
N GLY A 496 -19.54 0.98 6.27
CA GLY A 496 -19.26 0.86 4.86
C GLY A 496 -20.18 1.70 3.99
N GLN A 497 -20.81 2.69 4.62
CA GLN A 497 -21.72 3.59 3.92
C GLN A 497 -21.38 5.03 4.24
N GLU A 498 -21.58 5.92 3.26
CA GLU A 498 -21.31 7.34 3.46
C GLU A 498 -22.19 7.86 4.58
N GLN A 499 -21.66 8.78 5.38
CA GLN A 499 -22.39 9.32 6.52
C GLN A 499 -22.21 10.84 6.56
N GLN A 500 -23.14 11.51 7.22
CA GLN A 500 -23.14 12.97 7.23
C GLN A 500 -23.57 13.49 8.60
N THR A 501 -23.02 14.63 9.00
CA THR A 501 -23.37 15.21 10.29
C THR A 501 -23.15 16.72 10.35
N THR A 502 -23.81 17.39 11.28
CA THR A 502 -23.54 18.79 11.56
C THR A 502 -22.42 18.90 12.59
N LEU A 503 -21.44 19.75 12.32
CA LEU A 503 -20.30 19.89 13.23
C LEU A 503 -20.72 20.56 14.53
N PRO A 504 -20.36 19.95 15.68
CA PRO A 504 -20.74 20.42 17.01
C PRO A 504 -19.86 21.58 17.50
N VAL A 505 -18.78 21.86 16.78
CA VAL A 505 -17.88 22.96 17.13
C VAL A 505 -17.47 23.74 15.89
N GLU A 506 -16.55 24.68 16.06
CA GLU A 506 -16.11 25.50 14.94
C GLU A 506 -14.72 25.08 14.49
N VAL A 507 -14.60 24.76 13.20
CA VAL A 507 -13.34 24.27 12.65
C VAL A 507 -12.42 25.41 12.20
N ALA A 508 -11.17 25.37 12.67
CA ALA A 508 -10.17 26.34 12.24
C ALA A 508 -9.63 25.96 10.87
N SER A 509 -9.09 24.74 10.77
CA SER A 509 -8.57 24.21 9.52
C SER A 509 -8.69 22.70 9.49
N ASP A 510 -8.74 22.12 8.29
CA ASP A 510 -8.74 20.66 8.15
C ASP A 510 -7.33 20.11 8.32
N LEU A 511 -7.22 18.93 8.92
CA LEU A 511 -5.93 18.29 9.06
C LEU A 511 -5.84 17.01 8.23
N PRO A 512 -4.98 17.01 7.19
CA PRO A 512 -4.80 15.87 6.30
C PRO A 512 -3.84 14.81 6.87
N VAL A 513 -4.28 13.56 6.90
CA VAL A 513 -3.43 12.48 7.42
C VAL A 513 -3.72 11.13 6.77
N ALA A 514 -2.67 10.45 6.31
CA ALA A 514 -2.75 9.10 5.76
C ALA A 514 -3.81 8.91 4.67
N HIS A 515 -3.85 9.85 3.72
CA HIS A 515 -4.69 9.74 2.52
C HIS A 515 -6.18 9.57 2.81
N PHE A 516 -6.61 9.99 4.00
CA PHE A 516 -8.03 10.00 4.34
C PHE A 516 -8.77 11.09 3.55
N THR A 517 -10.02 10.81 3.21
CA THR A 517 -10.81 11.74 2.41
C THR A 517 -12.14 12.05 3.09
N ALA A 518 -12.39 13.34 3.28
CA ALA A 518 -13.62 13.81 3.93
C ALA A 518 -13.99 15.18 3.40
N THR A 519 -15.28 15.44 3.27
CA THR A 519 -15.75 16.70 2.70
C THR A 519 -16.34 17.63 3.74
N ARG A 520 -15.76 18.81 3.91
CA ARG A 520 -16.29 19.78 4.87
C ARG A 520 -16.94 20.95 4.13
N ASP A 521 -18.26 20.98 4.15
CA ASP A 521 -19.02 22.03 3.49
C ASP A 521 -19.71 22.92 4.53
N GLY A 522 -19.06 24.03 4.85
CA GLY A 522 -19.60 24.95 5.85
C GLY A 522 -19.67 24.32 7.23
N SER A 523 -20.88 23.97 7.63
CA SER A 523 -21.10 23.37 8.95
C SER A 523 -21.52 21.91 8.82
N THR A 524 -21.58 21.41 7.58
CA THR A 524 -21.92 20.01 7.35
C THR A 524 -20.71 19.21 6.90
N LEU A 525 -20.43 18.13 7.64
CA LEU A 525 -19.31 17.26 7.33
C LEU A 525 -19.79 15.92 6.79
N THR A 526 -19.17 15.51 5.68
CA THR A 526 -19.49 14.25 5.03
C THR A 526 -18.28 13.32 5.06
N LEU A 527 -18.51 12.07 5.46
CA LEU A 527 -17.45 11.08 5.49
C LEU A 527 -17.82 9.86 4.67
N PRO A 528 -17.04 9.57 3.62
CA PRO A 528 -17.19 8.33 2.86
C PRO A 528 -16.96 7.09 3.73
N ALA A 529 -17.27 5.92 3.18
CA ALA A 529 -17.09 4.65 3.89
C ALA A 529 -15.69 4.50 4.50
N TYR A 530 -15.65 4.10 5.77
CA TYR A 530 -14.41 3.78 6.47
C TYR A 530 -13.39 4.91 6.50
N GLN A 531 -13.86 6.15 6.41
CA GLN A 531 -12.96 7.30 6.42
C GLN A 531 -12.90 7.99 7.79
N ALA A 532 -11.80 8.70 8.03
CA ALA A 532 -11.63 9.45 9.26
C ALA A 532 -11.43 10.94 8.96
N ALA A 533 -11.67 11.78 9.96
CA ALA A 533 -11.52 13.23 9.80
C ALA A 533 -10.96 13.89 11.06
N PHE A 534 -9.84 14.59 10.90
CA PHE A 534 -9.21 15.34 11.97
C PHE A 534 -9.26 16.83 11.66
N MET A 535 -9.65 17.64 12.65
CA MET A 535 -9.79 19.08 12.43
C MET A 535 -9.26 19.93 13.59
N GLN A 536 -8.71 21.09 13.25
CA GLN A 536 -8.32 22.08 14.25
C GLN A 536 -9.53 22.89 14.71
N VAL A 537 -9.71 23.02 16.01
CA VAL A 537 -10.83 23.76 16.57
C VAL A 537 -10.37 25.14 17.05
N ALA A 538 -11.12 26.17 16.66
CA ALA A 538 -10.79 27.54 17.04
C ALA A 538 -10.93 27.75 18.55
N ASN B 4 18.40 8.61 -5.36
CA ASN B 4 17.50 7.74 -6.11
C ASN B 4 17.10 8.39 -7.44
N MET B 5 18.11 8.81 -8.20
CA MET B 5 17.90 9.54 -9.44
C MET B 5 17.62 8.63 -10.63
N MET B 6 17.42 7.34 -10.37
CA MET B 6 17.16 6.38 -11.45
C MET B 6 15.77 5.76 -11.38
N TRP B 7 14.83 6.49 -10.80
CA TRP B 7 13.45 6.05 -10.70
C TRP B 7 12.82 5.73 -12.06
N TRP B 8 13.24 6.46 -13.09
CA TRP B 8 12.63 6.37 -14.41
C TRP B 8 12.97 5.08 -15.15
N ARG B 9 14.08 4.45 -14.80
CA ARG B 9 14.55 3.27 -15.51
C ARG B 9 13.82 2.03 -15.00
N GLY B 10 12.55 1.91 -15.38
CA GLY B 10 11.73 0.79 -14.95
C GLY B 10 10.42 1.26 -14.34
N GLY B 11 10.34 2.55 -14.05
CA GLY B 11 9.17 3.14 -13.45
C GLY B 11 7.94 3.10 -14.33
N VAL B 12 6.77 3.24 -13.73
CA VAL B 12 5.50 3.22 -14.46
C VAL B 12 4.88 4.61 -14.50
N ILE B 13 4.59 5.09 -15.71
CA ILE B 13 4.05 6.42 -15.91
C ILE B 13 2.60 6.38 -16.38
N TYR B 14 1.76 7.19 -15.74
CA TYR B 14 0.34 7.27 -16.05
C TYR B 14 0.05 8.44 -16.98
N GLN B 15 -0.36 8.15 -18.22
CA GLN B 15 -0.60 9.22 -19.19
C GLN B 15 -1.98 9.83 -19.01
N ILE B 16 -2.01 11.12 -18.77
CA ILE B 16 -3.27 11.85 -18.65
C ILE B 16 -3.50 12.74 -19.86
N TYR B 17 -4.66 12.61 -20.48
CA TYR B 17 -5.07 13.47 -21.58
C TYR B 17 -5.99 14.54 -21.02
N PRO B 18 -5.43 15.73 -20.71
CA PRO B 18 -6.08 16.81 -19.97
C PRO B 18 -7.50 17.10 -20.40
N ARG B 19 -7.73 17.18 -21.71
CA ARG B 19 -9.04 17.46 -22.26
C ARG B 19 -10.12 16.47 -21.80
N SER B 20 -9.71 15.24 -21.48
CA SER B 20 -10.66 14.17 -21.25
C SER B 20 -10.51 13.49 -19.88
N PHE B 21 -9.86 14.18 -18.94
CA PHE B 21 -9.67 13.60 -17.62
C PHE B 21 -10.79 14.04 -16.66
N LEU B 22 -10.82 15.33 -16.34
CA LEU B 22 -11.87 15.87 -15.48
C LEU B 22 -12.11 17.36 -15.70
N ASP B 23 -13.35 17.73 -15.95
CA ASP B 23 -13.73 19.13 -16.07
C ASP B 23 -14.20 19.67 -14.72
N SER B 24 -13.45 20.61 -14.17
CA SER B 24 -13.75 21.18 -12.85
C SER B 24 -14.32 22.59 -12.97
N ARG B 25 -14.32 23.14 -14.18
CA ARG B 25 -14.76 24.51 -14.38
C ARG B 25 -16.20 24.58 -14.89
N GLY B 26 -16.60 23.61 -15.68
CA GLY B 26 -17.98 23.51 -16.13
C GLY B 26 -18.20 23.82 -17.59
N ASP B 27 -17.12 23.87 -18.37
CA ASP B 27 -17.23 24.17 -19.79
C ASP B 27 -17.27 22.91 -20.65
N GLY B 28 -17.18 21.76 -20.01
CA GLY B 28 -17.25 20.49 -20.71
C GLY B 28 -15.90 20.01 -21.21
N VAL B 29 -14.85 20.75 -20.86
CA VAL B 29 -13.49 20.38 -21.23
C VAL B 29 -12.64 20.19 -19.98
N GLY B 30 -11.88 19.10 -19.95
CA GLY B 30 -11.00 18.81 -18.83
C GLY B 30 -9.94 19.87 -18.62
N ASP B 31 -9.64 20.15 -17.36
CA ASP B 31 -8.66 21.17 -17.02
C ASP B 31 -7.65 20.65 -16.00
N LEU B 32 -6.66 21.49 -15.67
CA LEU B 32 -5.58 21.10 -14.77
C LEU B 32 -6.07 20.85 -13.36
N ASN B 33 -6.98 21.69 -12.89
CA ASN B 33 -7.49 21.60 -11.52
C ASN B 33 -8.21 20.29 -11.25
N GLY B 34 -8.82 19.71 -12.29
CA GLY B 34 -9.44 18.40 -12.19
C GLY B 34 -8.40 17.32 -11.96
N ILE B 35 -7.32 17.40 -12.73
CA ILE B 35 -6.20 16.47 -12.58
C ILE B 35 -5.68 16.56 -11.15
N THR B 36 -5.53 17.79 -10.66
CA THR B 36 -5.12 18.04 -9.29
C THR B 36 -6.07 17.37 -8.32
N GLU B 37 -7.37 17.46 -8.63
CA GLU B 37 -8.40 16.87 -7.78
C GLU B 37 -8.36 15.34 -7.79
N LYS B 38 -7.82 14.74 -8.85
CA LYS B 38 -7.83 13.27 -8.96
C LYS B 38 -6.43 12.65 -8.83
N LEU B 39 -5.46 13.47 -8.44
CA LEU B 39 -4.11 12.98 -8.19
C LEU B 39 -4.07 11.94 -7.08
N ASP B 40 -5.05 11.97 -6.18
CA ASP B 40 -5.16 10.97 -5.13
C ASP B 40 -5.46 9.59 -5.71
N TYR B 41 -6.42 9.56 -6.64
CA TYR B 41 -6.75 8.35 -7.39
C TYR B 41 -5.52 7.85 -8.15
N VAL B 42 -4.90 8.77 -8.89
CA VAL B 42 -3.72 8.43 -9.67
C VAL B 42 -2.65 7.79 -8.78
N ALA B 43 -2.40 8.41 -7.63
CA ALA B 43 -1.48 7.87 -6.65
C ALA B 43 -1.94 6.50 -6.15
N SER B 44 -3.26 6.32 -6.07
CA SER B 44 -3.83 5.07 -5.59
C SER B 44 -3.64 3.97 -6.62
N LEU B 45 -3.27 4.35 -7.85
CA LEU B 45 -2.98 3.35 -8.88
C LEU B 45 -1.63 2.65 -8.67
N ASN B 46 -0.83 3.15 -7.73
CA ASN B 46 0.53 2.65 -7.48
C ASN B 46 1.48 2.88 -8.65
N VAL B 47 1.15 3.86 -9.49
CA VAL B 47 2.05 4.27 -10.55
C VAL B 47 3.14 5.17 -9.97
N ASP B 48 4.24 5.32 -10.70
CA ASP B 48 5.39 6.06 -10.19
C ASP B 48 5.33 7.54 -10.56
N GLY B 49 4.48 7.89 -11.53
CA GLY B 49 4.36 9.26 -11.97
C GLY B 49 3.36 9.45 -13.09
N ILE B 50 3.29 10.66 -13.62
CA ILE B 50 2.35 10.97 -14.68
C ILE B 50 3.00 11.64 -15.89
N TRP B 51 2.38 11.44 -17.05
CA TRP B 51 2.75 12.15 -18.27
C TRP B 51 1.52 12.92 -18.75
N LEU B 52 1.64 14.25 -18.78
CA LEU B 52 0.56 15.10 -19.24
C LEU B 52 0.70 15.42 -20.73
N SER B 53 -0.35 15.15 -21.49
CA SER B 53 -0.43 15.61 -22.87
C SER B 53 -0.45 17.14 -22.86
N PRO B 54 -0.13 17.78 -24.00
CA PRO B 54 0.03 19.23 -24.03
C PRO B 54 -1.15 20.01 -23.44
N PHE B 55 -0.83 20.98 -22.60
CA PHE B 55 -1.82 21.85 -21.98
C PHE B 55 -1.42 23.31 -22.20
N PHE B 56 -0.54 23.51 -23.18
CA PHE B 56 0.01 24.83 -23.46
C PHE B 56 -0.93 25.64 -24.35
N THR B 57 -0.66 26.93 -24.47
CA THR B 57 -1.44 27.81 -25.34
C THR B 57 -1.48 27.28 -26.76
N SER B 58 -2.68 27.14 -27.32
CA SER B 58 -2.85 26.49 -28.61
C SER B 58 -4.21 26.78 -29.23
N PRO B 59 -4.23 26.93 -30.57
CA PRO B 59 -5.48 27.01 -31.34
C PRO B 59 -6.29 25.72 -31.25
N MET B 60 -5.64 24.66 -30.76
CA MET B 60 -6.27 23.36 -30.55
C MET B 60 -6.71 22.70 -31.84
N LEU B 61 -6.07 23.07 -32.95
CA LEU B 61 -6.36 22.46 -34.24
C LEU B 61 -5.89 21.01 -34.25
N ASP B 62 -4.85 20.74 -33.46
CA ASP B 62 -4.44 19.36 -33.21
C ASP B 62 -4.51 19.12 -31.70
N PHE B 63 -5.43 19.84 -31.07
CA PHE B 63 -5.74 19.69 -29.64
C PHE B 63 -4.52 19.61 -28.73
N GLY B 64 -3.73 20.68 -28.74
CA GLY B 64 -2.61 20.83 -27.83
C GLY B 64 -1.26 20.67 -28.50
N TYR B 65 -1.23 19.86 -29.56
CA TYR B 65 0.04 19.55 -30.23
C TYR B 65 0.40 20.58 -31.30
N ASP B 66 -0.43 21.60 -31.44
CA ASP B 66 -0.07 22.77 -32.23
C ASP B 66 0.16 23.95 -31.28
N VAL B 67 1.42 24.12 -30.86
CA VAL B 67 1.75 25.01 -29.77
C VAL B 67 2.05 26.43 -30.25
N SER B 68 1.41 27.41 -29.61
CA SER B 68 1.60 28.81 -29.95
C SER B 68 2.38 29.54 -28.86
N ASP B 69 2.52 28.89 -27.71
CA ASP B 69 3.29 29.46 -26.60
C ASP B 69 3.83 28.34 -25.71
N TYR B 70 5.13 28.11 -25.78
CA TYR B 70 5.77 27.01 -25.06
C TYR B 70 5.84 27.25 -23.55
N ARG B 71 5.73 28.51 -23.13
CA ARG B 71 5.97 28.85 -21.73
C ARG B 71 4.73 29.39 -21.01
N ASP B 72 3.55 28.87 -21.37
CA ASP B 72 2.32 29.25 -20.67
C ASP B 72 1.24 28.20 -20.84
N VAL B 73 0.23 28.25 -19.97
CA VAL B 73 -0.90 27.34 -20.03
C VAL B 73 -2.08 28.00 -20.75
N ASP B 74 -2.68 27.27 -21.68
CA ASP B 74 -3.87 27.77 -22.38
C ASP B 74 -5.00 28.00 -21.38
N PRO B 75 -5.68 29.15 -21.50
CA PRO B 75 -6.76 29.56 -20.59
C PRO B 75 -7.83 28.49 -20.37
N MET B 76 -8.10 27.69 -21.40
CA MET B 76 -9.13 26.66 -21.31
C MET B 76 -8.70 25.54 -20.36
N PHE B 77 -7.39 25.39 -20.17
CA PHE B 77 -6.87 24.39 -19.22
C PHE B 77 -6.58 25.01 -17.86
N GLY B 78 -6.53 26.33 -17.80
CA GLY B 78 -6.27 27.02 -16.55
C GLY B 78 -5.14 28.02 -16.62
N THR B 79 -4.37 28.10 -15.53
CA THR B 79 -3.27 29.05 -15.43
C THR B 79 -1.97 28.33 -15.09
N LEU B 80 -0.87 29.09 -15.08
CA LEU B 80 0.43 28.54 -14.70
C LEU B 80 0.45 28.17 -13.22
N GLU B 81 -0.28 28.95 -12.42
CA GLU B 81 -0.37 28.73 -10.99
C GLU B 81 -1.09 27.42 -10.70
N ASP B 82 -2.10 27.14 -11.51
CA ASP B 82 -2.82 25.88 -11.44
C ASP B 82 -1.86 24.71 -11.64
N PHE B 83 -0.97 24.86 -12.62
CA PHE B 83 0.01 23.82 -12.92
C PHE B 83 0.99 23.66 -11.77
N LYS B 84 1.44 24.78 -11.22
CA LYS B 84 2.34 24.74 -10.06
C LYS B 84 1.70 23.98 -8.90
N ALA B 85 0.42 24.23 -8.68
CA ALA B 85 -0.33 23.54 -7.63
C ALA B 85 -0.39 22.04 -7.91
N LEU B 86 -0.69 21.70 -9.16
CA LEU B 86 -0.76 20.31 -9.60
C LEU B 86 0.57 19.61 -9.32
N LEU B 87 1.66 20.25 -9.72
CA LEU B 87 2.99 19.72 -9.56
C LEU B 87 3.32 19.50 -8.08
N GLU B 88 2.94 20.47 -7.25
CA GLU B 88 3.24 20.39 -5.82
C GLU B 88 2.48 19.25 -5.15
N LYS B 89 1.20 19.12 -5.47
CA LYS B 89 0.40 18.04 -4.89
C LYS B 89 0.90 16.68 -5.36
N ALA B 90 1.27 16.61 -6.63
CA ALA B 90 1.77 15.37 -7.21
C ALA B 90 3.08 14.94 -6.57
N HIS B 91 3.97 15.92 -6.34
CA HIS B 91 5.21 15.65 -5.61
C HIS B 91 4.91 15.21 -4.19
N SER B 92 3.91 15.83 -3.58
CA SER B 92 3.50 15.50 -2.22
C SER B 92 2.95 14.09 -2.12
N LEU B 93 2.47 13.56 -3.25
CA LEU B 93 1.94 12.19 -3.26
C LEU B 93 2.97 11.18 -3.75
N GLY B 94 4.20 11.65 -3.97
CA GLY B 94 5.29 10.77 -4.39
C GLY B 94 5.24 10.49 -5.88
N LEU B 95 4.45 11.27 -6.61
CA LEU B 95 4.35 11.10 -8.06
C LEU B 95 5.28 12.07 -8.78
N LYS B 96 5.98 11.56 -9.80
CA LYS B 96 6.76 12.40 -10.68
C LYS B 96 5.86 12.99 -11.76
N VAL B 97 6.20 14.19 -12.24
CA VAL B 97 5.39 14.82 -13.28
C VAL B 97 6.18 15.06 -14.55
N MET B 98 5.76 14.39 -15.62
CA MET B 98 6.34 14.62 -16.93
C MET B 98 5.33 15.30 -17.83
N ILE B 99 5.81 16.18 -18.71
CA ILE B 99 4.93 16.88 -19.64
C ILE B 99 5.41 16.70 -21.07
N ASP B 100 4.50 16.84 -22.02
CA ASP B 100 4.84 16.77 -23.43
C ASP B 100 5.71 17.95 -23.84
N GLN B 101 6.60 17.72 -24.80
CA GLN B 101 7.30 18.83 -25.45
C GLN B 101 7.28 18.63 -26.95
N VAL B 102 6.65 19.57 -27.64
CA VAL B 102 6.48 19.49 -29.08
C VAL B 102 7.39 20.51 -29.77
N ILE B 103 8.67 20.19 -29.86
CA ILE B 103 9.65 21.12 -30.39
C ILE B 103 9.94 20.78 -31.85
N SER B 104 9.28 19.74 -32.35
CA SER B 104 9.39 19.37 -33.76
C SER B 104 8.72 20.41 -34.64
N HIS B 105 7.64 20.98 -34.13
CA HIS B 105 6.82 21.92 -34.91
C HIS B 105 5.99 22.81 -34.00
N THR B 106 5.69 24.01 -34.50
CA THR B 106 4.88 24.97 -33.74
C THR B 106 3.56 25.21 -34.46
N SER B 107 2.62 25.84 -33.76
CA SER B 107 1.42 26.33 -34.42
C SER B 107 1.80 27.47 -35.37
N ASP B 108 1.00 27.69 -36.40
CA ASP B 108 1.25 28.81 -37.31
C ASP B 108 0.90 30.14 -36.65
N GLN B 109 0.23 30.05 -35.49
CA GLN B 109 -0.12 31.23 -34.71
C GLN B 109 0.99 31.60 -33.73
N HIS B 110 2.03 30.75 -33.68
CA HIS B 110 3.19 31.01 -32.85
C HIS B 110 3.96 32.21 -33.40
N PRO B 111 4.39 33.12 -32.51
CA PRO B 111 5.11 34.34 -32.89
C PRO B 111 6.31 34.09 -33.81
N TRP B 112 7.04 32.99 -33.57
CA TRP B 112 8.19 32.65 -34.40
C TRP B 112 7.81 32.53 -35.88
N PHE B 113 6.69 31.85 -36.15
CA PHE B 113 6.27 31.62 -37.52
C PHE B 113 5.62 32.86 -38.12
N GLN B 114 4.83 33.56 -37.31
CA GLN B 114 4.25 34.83 -37.72
C GLN B 114 5.35 35.78 -38.21
N GLU B 115 6.47 35.80 -37.49
CA GLU B 115 7.62 36.60 -37.90
C GLU B 115 8.30 36.02 -39.14
N SER B 116 8.54 34.71 -39.11
CA SER B 116 9.27 34.01 -40.16
C SER B 116 8.63 34.14 -41.54
N ARG B 117 7.31 34.12 -41.59
CA ARG B 117 6.56 33.99 -42.84
C ARG B 117 6.48 35.31 -43.61
N GLN B 118 6.85 36.41 -42.96
CA GLN B 118 6.68 37.73 -43.55
C GLN B 118 7.57 37.97 -44.76
N ASN B 119 8.80 37.44 -44.71
CA ASN B 119 9.76 37.62 -45.78
C ASN B 119 10.96 36.69 -45.65
N ARG B 120 11.88 36.79 -46.60
CA ARG B 120 13.05 35.89 -46.63
C ARG B 120 14.24 36.44 -45.85
N THR B 121 14.08 37.62 -45.27
CA THR B 121 15.22 38.33 -44.70
C THR B 121 15.10 38.60 -43.19
N ASN B 122 13.91 38.42 -42.64
CA ASN B 122 13.68 38.64 -41.22
C ASN B 122 14.60 37.75 -40.36
N PRO B 123 14.82 38.14 -39.09
CA PRO B 123 15.74 37.39 -38.20
C PRO B 123 15.44 35.90 -38.10
N LYS B 124 14.16 35.52 -38.21
CA LYS B 124 13.76 34.13 -38.03
C LYS B 124 13.34 33.47 -39.33
N ALA B 125 13.82 34.02 -40.46
CA ALA B 125 13.49 33.50 -41.77
C ALA B 125 13.89 32.03 -41.97
N ASP B 126 14.97 31.62 -41.31
CA ASP B 126 15.49 30.27 -41.49
C ASP B 126 15.14 29.36 -40.30
N TRP B 127 14.26 29.83 -39.42
CA TRP B 127 13.85 29.06 -38.26
C TRP B 127 12.87 27.95 -38.62
N PHE B 128 12.23 28.09 -39.77
CA PHE B 128 11.35 27.05 -40.29
C PHE B 128 11.86 26.56 -41.64
N VAL B 129 11.24 25.51 -42.16
CA VAL B 129 11.73 24.86 -43.37
C VAL B 129 11.07 25.45 -44.61
N TRP B 130 11.76 26.39 -45.25
CA TRP B 130 11.26 27.03 -46.46
C TRP B 130 12.04 26.56 -47.68
N ALA B 131 11.35 26.45 -48.81
CA ALA B 131 11.97 26.03 -50.06
C ALA B 131 11.25 26.61 -51.26
N ASP B 132 12.00 26.94 -52.30
CA ASP B 132 11.40 27.43 -53.53
C ASP B 132 10.54 26.37 -54.18
N PRO B 133 9.46 26.79 -54.85
CA PRO B 133 8.66 25.87 -55.66
C PRO B 133 9.47 25.33 -56.84
N LYS B 134 9.06 24.18 -57.38
CA LYS B 134 9.61 23.71 -58.65
C LYS B 134 9.28 24.71 -59.75
N PRO B 135 9.95 24.62 -60.91
CA PRO B 135 9.65 25.51 -62.03
C PRO B 135 8.17 25.53 -62.42
N ASP B 136 7.47 24.41 -62.23
CA ASP B 136 6.04 24.34 -62.53
C ASP B 136 5.17 24.79 -61.36
N GLY B 137 5.80 25.33 -60.31
CA GLY B 137 5.08 25.86 -59.17
C GLY B 137 4.67 24.81 -58.15
N THR B 138 5.00 23.56 -58.42
CA THR B 138 4.62 22.45 -57.54
C THR B 138 5.58 22.35 -56.35
N PRO B 139 5.19 21.60 -55.30
CA PRO B 139 6.06 21.37 -54.14
C PRO B 139 7.47 20.88 -54.51
N PRO B 140 8.47 21.22 -53.68
CA PRO B 140 9.87 20.89 -53.92
C PRO B 140 10.18 19.39 -53.95
N ASN B 141 9.39 18.57 -53.28
CA ASN B 141 9.59 17.13 -53.33
C ASN B 141 8.33 16.30 -53.01
N ASN B 142 8.51 14.99 -52.90
CA ASN B 142 7.39 14.07 -52.78
C ASN B 142 6.96 13.77 -51.35
N TRP B 143 7.46 14.54 -50.39
CA TRP B 143 7.17 14.29 -48.98
C TRP B 143 5.68 14.52 -48.69
N LEU B 144 5.10 13.63 -47.90
CA LEU B 144 3.66 13.67 -47.61
C LEU B 144 3.37 13.99 -46.15
N SER B 145 2.31 14.75 -45.93
CA SER B 145 1.82 15.00 -44.58
C SER B 145 1.09 13.77 -44.04
N ILE B 146 1.36 13.41 -42.79
CA ILE B 146 0.67 12.30 -42.14
C ILE B 146 -0.83 12.56 -42.06
N PHE B 147 -1.21 13.84 -41.95
CA PHE B 147 -2.60 14.22 -41.80
C PHE B 147 -3.26 14.57 -43.15
N GLY B 148 -2.62 14.17 -44.24
CA GLY B 148 -3.21 14.34 -45.55
C GLY B 148 -2.55 15.38 -46.43
N GLY B 149 -2.43 15.08 -47.72
CA GLY B 149 -1.88 16.00 -48.69
C GLY B 149 -0.36 16.06 -48.63
N SER B 150 0.21 16.95 -49.44
CA SER B 150 1.65 17.16 -49.45
C SER B 150 2.14 17.70 -48.11
N ALA B 151 3.41 17.44 -47.79
CA ALA B 151 4.02 17.99 -46.58
C ALA B 151 4.38 19.46 -46.75
N TRP B 152 4.15 19.99 -47.95
CA TRP B 152 4.50 21.36 -48.27
C TRP B 152 3.27 22.23 -48.50
N THR B 153 3.28 23.44 -47.93
CA THR B 153 2.18 24.37 -48.13
C THR B 153 2.68 25.74 -48.60
N PHE B 154 2.05 26.27 -49.65
CA PHE B 154 2.48 27.53 -50.25
C PHE B 154 2.03 28.72 -49.42
N ASP B 155 2.92 29.70 -49.27
CA ASP B 155 2.58 30.95 -48.61
C ASP B 155 2.92 32.09 -49.57
N SER B 156 1.93 32.93 -49.85
CA SER B 156 2.06 33.98 -50.86
C SER B 156 3.07 35.06 -50.51
N ARG B 157 3.25 35.34 -49.22
CA ARG B 157 4.18 36.38 -48.79
C ARG B 157 5.61 36.15 -49.26
N ARG B 158 6.09 34.91 -49.13
CA ARG B 158 7.47 34.59 -49.45
C ARG B 158 7.62 33.91 -50.81
N GLN B 159 6.48 33.59 -51.42
CA GLN B 159 6.44 32.83 -52.67
C GLN B 159 7.22 31.53 -52.56
N GLN B 160 7.05 30.86 -51.43
CA GLN B 160 7.77 29.61 -51.15
C GLN B 160 6.86 28.63 -50.40
N TYR B 161 7.23 27.35 -50.45
CA TYR B 161 6.53 26.34 -49.67
C TYR B 161 7.19 26.18 -48.30
N TYR B 162 6.40 25.91 -47.28
CA TYR B 162 6.95 25.53 -45.99
C TYR B 162 6.56 24.10 -45.65
N LEU B 163 7.44 23.43 -44.91
CA LEU B 163 7.26 22.02 -44.58
C LEU B 163 6.39 21.80 -43.35
N HIS B 164 5.52 20.81 -43.44
CA HIS B 164 4.74 20.37 -42.29
C HIS B 164 4.39 18.89 -42.42
N ASN B 165 4.96 18.07 -41.54
CA ASN B 165 4.68 16.64 -41.53
C ASN B 165 3.24 16.36 -41.12
N PHE B 166 2.67 17.25 -40.32
CA PHE B 166 1.29 17.12 -39.89
C PHE B 166 0.42 18.22 -40.50
N LEU B 167 -0.44 18.84 -39.68
CA LEU B 167 -1.35 19.88 -40.16
C LEU B 167 -0.63 21.02 -40.89
N THR B 168 -1.36 21.72 -41.76
CA THR B 168 -0.85 22.93 -42.40
C THR B 168 -0.58 24.00 -41.37
N SER B 169 -1.31 23.94 -40.26
CA SER B 169 -1.17 24.90 -39.18
C SER B 169 -0.11 24.44 -38.19
N GLN B 170 0.69 23.47 -38.59
CA GLN B 170 1.81 23.01 -37.78
C GLN B 170 3.11 23.00 -38.58
N PRO B 171 3.65 24.19 -38.90
CA PRO B 171 4.93 24.25 -39.62
C PRO B 171 6.07 23.66 -38.81
N ASP B 172 6.87 22.81 -39.43
CA ASP B 172 7.98 22.17 -38.75
C ASP B 172 9.19 23.09 -38.62
N VAL B 173 9.88 22.98 -37.49
CA VAL B 173 11.05 23.80 -37.20
C VAL B 173 12.30 23.30 -37.94
N ASN B 174 13.07 24.22 -38.48
CA ASN B 174 14.32 23.89 -39.17
C ASN B 174 15.47 23.70 -38.18
N PHE B 175 15.69 22.46 -37.76
CA PHE B 175 16.72 22.15 -36.78
C PHE B 175 18.15 22.26 -37.32
N HIS B 176 18.28 22.53 -38.61
CA HIS B 176 19.61 22.79 -39.19
C HIS B 176 20.07 24.19 -38.82
N HIS B 177 19.15 24.98 -38.28
CA HIS B 177 19.47 26.33 -37.80
C HIS B 177 19.64 26.29 -36.28
N PRO B 178 20.89 26.42 -35.82
CA PRO B 178 21.29 26.23 -34.41
C PRO B 178 20.51 27.10 -33.41
N GLU B 179 20.15 28.32 -33.81
CA GLU B 179 19.44 29.22 -32.91
C GLU B 179 18.06 28.68 -32.57
N ALA B 180 17.46 27.96 -33.50
CA ALA B 180 16.15 27.34 -33.26
C ALA B 180 16.27 26.18 -32.28
N ARG B 181 17.27 25.34 -32.51
CA ARG B 181 17.58 24.24 -31.61
C ARG B 181 17.76 24.75 -30.18
N GLN B 182 18.60 25.77 -30.04
CA GLN B 182 18.89 26.35 -28.74
C GLN B 182 17.63 26.96 -28.12
N ALA B 183 16.83 27.63 -28.94
CA ALA B 183 15.59 28.24 -28.47
C ALA B 183 14.63 27.19 -27.91
N GLN B 184 14.56 26.04 -28.57
CA GLN B 184 13.69 24.96 -28.11
C GLN B 184 14.22 24.35 -26.82
N LEU B 185 15.53 24.16 -26.76
CA LEU B 185 16.17 23.70 -25.52
C LEU B 185 15.85 24.64 -24.35
N ASP B 186 15.88 25.95 -24.62
CA ASP B 186 15.54 26.94 -23.60
C ASP B 186 14.08 26.81 -23.19
N ASN B 187 13.22 26.55 -24.19
CA ASN B 187 11.81 26.35 -23.94
C ASN B 187 11.57 25.17 -23.00
N MET B 188 12.37 24.12 -23.16
CA MET B 188 12.34 22.99 -22.24
C MET B 188 12.86 23.40 -20.86
N ARG B 189 13.91 24.21 -20.85
CA ARG B 189 14.53 24.68 -19.61
C ARG B 189 13.54 25.46 -18.75
N PHE B 190 12.63 26.19 -19.40
CA PHE B 190 11.61 26.93 -18.67
C PHE B 190 10.84 26.01 -17.73
N TRP B 191 10.46 24.84 -18.24
CA TRP B 191 9.69 23.89 -17.45
C TRP B 191 10.59 23.12 -16.49
N LEU B 192 11.84 22.92 -16.87
CA LEU B 192 12.79 22.29 -15.95
C LEU B 192 13.02 23.13 -14.69
N ASP B 193 13.10 24.45 -14.84
CA ASP B 193 13.30 25.34 -13.70
C ASP B 193 12.08 25.40 -12.78
N LEU B 194 10.93 24.96 -13.29
CA LEU B 194 9.72 24.93 -12.48
C LEU B 194 9.63 23.66 -11.63
N GLY B 195 10.53 22.72 -11.88
CA GLY B 195 10.59 21.50 -11.08
C GLY B 195 9.93 20.28 -11.71
N VAL B 196 9.70 20.33 -13.02
CA VAL B 196 9.14 19.20 -13.73
C VAL B 196 10.14 18.04 -13.74
N ASP B 197 9.64 16.81 -13.65
CA ASP B 197 10.50 15.64 -13.47
C ASP B 197 10.91 14.99 -14.80
N GLY B 198 10.44 15.54 -15.91
CA GLY B 198 10.85 15.02 -17.21
C GLY B 198 9.95 15.40 -18.38
N PHE B 199 10.30 14.90 -19.55
CA PHE B 199 9.57 15.23 -20.77
C PHE B 199 9.27 14.02 -21.64
N ARG B 200 8.07 14.01 -22.22
CA ARG B 200 7.80 13.11 -23.34
C ARG B 200 8.06 13.86 -24.63
N LEU B 201 9.01 13.37 -25.42
CA LEU B 201 9.42 14.10 -26.61
C LEU B 201 8.62 13.67 -27.84
N ASN B 202 7.68 14.52 -28.23
CA ASN B 202 6.85 14.29 -29.42
C ASN B 202 7.68 14.10 -30.68
N THR B 203 7.42 12.99 -31.40
CA THR B 203 8.11 12.67 -32.65
C THR B 203 9.61 13.00 -32.61
N VAL B 204 10.32 12.40 -31.65
CA VAL B 204 11.69 12.81 -31.35
C VAL B 204 12.65 12.60 -32.52
N ASN B 205 12.36 11.63 -33.40
CA ASN B 205 13.23 11.35 -34.53
C ASN B 205 12.89 12.21 -35.75
N PHE B 206 11.90 13.08 -35.61
CA PHE B 206 11.45 13.90 -36.72
C PHE B 206 12.27 15.18 -36.85
N TYR B 207 12.94 15.54 -35.75
CA TYR B 207 13.58 16.86 -35.60
C TYR B 207 14.38 17.34 -36.82
N PHE B 208 15.17 16.45 -37.40
CA PHE B 208 15.96 16.82 -38.57
C PHE B 208 15.38 16.26 -39.88
N HIS B 209 15.50 17.05 -40.94
CA HIS B 209 15.13 16.62 -42.28
C HIS B 209 16.33 16.77 -43.20
N ASP B 210 16.31 16.06 -44.34
CA ASP B 210 17.39 16.19 -45.32
C ASP B 210 17.36 17.59 -45.95
N ALA B 211 18.40 18.36 -45.70
CA ALA B 211 18.51 19.72 -46.22
C ALA B 211 18.61 19.72 -47.75
N GLU B 212 18.97 18.57 -48.32
CA GLU B 212 19.03 18.42 -49.76
C GLU B 212 17.64 18.20 -50.35
N LEU B 213 16.66 17.98 -49.48
CA LEU B 213 15.26 17.85 -49.87
C LEU B 213 15.05 16.74 -50.90
N ARG B 214 15.79 15.64 -50.73
CA ARG B 214 15.70 14.50 -51.65
C ARG B 214 14.38 13.76 -51.53
N ASP B 215 13.89 13.27 -52.66
CA ASP B 215 12.67 12.48 -52.71
C ASP B 215 12.79 11.15 -51.97
N ASN B 216 11.74 10.77 -51.26
CA ASN B 216 11.67 9.45 -50.64
C ASN B 216 11.41 8.38 -51.68
N PRO B 217 12.01 7.19 -51.48
CA PRO B 217 11.71 6.04 -52.34
C PRO B 217 10.40 5.38 -51.94
N PRO B 218 9.74 4.71 -52.90
CA PRO B 218 8.49 4.01 -52.60
C PRO B 218 8.74 2.68 -51.89
N VAL B 219 7.74 2.19 -51.19
CA VAL B 219 7.83 0.89 -50.54
C VAL B 219 7.73 -0.22 -51.58
N PRO B 220 8.70 -1.15 -51.57
CA PRO B 220 8.72 -2.28 -52.50
C PRO B 220 7.42 -3.09 -52.45
N LYS B 221 7.05 -3.65 -53.59
CA LYS B 221 5.74 -4.23 -53.82
C LYS B 221 5.29 -5.33 -52.85
N GLY B 222 6.20 -5.82 -52.02
CA GLY B 222 5.86 -6.89 -51.09
C GLY B 222 6.13 -6.58 -49.63
N GLU B 223 6.84 -5.50 -49.36
CA GLU B 223 7.25 -5.15 -48.01
C GLU B 223 6.16 -4.51 -47.15
N ALA B 224 6.29 -4.67 -45.84
CA ALA B 224 5.31 -4.20 -44.86
C ALA B 224 5.29 -2.68 -44.71
N LYS B 225 4.12 -2.14 -44.39
CA LYS B 225 3.96 -0.70 -44.20
C LYS B 225 4.39 -0.28 -42.79
N THR B 226 4.58 1.01 -42.59
CA THR B 226 4.97 1.55 -41.29
C THR B 226 3.88 1.34 -40.25
N LEU B 227 4.30 1.18 -38.99
CA LEU B 227 3.38 0.86 -37.90
C LEU B 227 2.66 2.08 -37.34
N GLY B 228 3.19 3.26 -37.62
CA GLY B 228 2.67 4.48 -37.01
C GLY B 228 1.53 5.14 -37.76
N ALA B 229 1.00 4.46 -38.76
CA ALA B 229 -0.05 5.03 -39.59
C ALA B 229 -0.95 3.95 -40.20
N PRO B 230 -2.24 4.26 -40.35
CA PRO B 230 -3.19 3.33 -40.97
C PRO B 230 -2.87 3.11 -42.45
N GLU B 231 -3.09 1.89 -42.94
CA GLU B 231 -2.70 1.53 -44.30
C GLU B 231 -3.47 2.33 -45.36
N ALA B 232 -4.59 2.92 -44.97
CA ALA B 232 -5.39 3.75 -45.86
C ALA B 232 -4.68 5.06 -46.20
N ASN B 233 -3.64 5.38 -45.42
CA ASN B 233 -2.92 6.64 -45.56
C ASN B 233 -1.79 6.51 -46.57
N PRO B 234 -1.82 7.34 -47.63
CA PRO B 234 -0.76 7.33 -48.66
C PRO B 234 0.62 7.64 -48.10
N TYR B 235 0.67 8.18 -46.90
CA TYR B 235 1.94 8.39 -46.17
C TYR B 235 2.75 7.09 -46.11
N THR B 236 2.03 5.97 -46.00
CA THR B 236 2.65 4.66 -45.87
C THR B 236 3.15 4.09 -47.20
N TRP B 237 3.11 4.91 -48.25
CA TRP B 237 3.55 4.46 -49.57
C TRP B 237 5.03 4.70 -49.80
N GLN B 238 5.65 5.48 -48.93
CA GLN B 238 7.08 5.77 -49.05
C GLN B 238 7.90 5.24 -47.90
N ARG B 239 9.14 4.87 -48.19
CA ARG B 239 10.13 4.66 -47.14
C ARG B 239 10.58 6.05 -46.69
N HIS B 240 10.52 6.31 -45.40
CA HIS B 240 10.82 7.64 -44.90
C HIS B 240 12.26 7.72 -44.41
N VAL B 241 13.13 8.21 -45.29
CA VAL B 241 14.56 8.25 -44.99
C VAL B 241 15.11 9.69 -45.01
N TYR B 242 14.51 10.55 -45.82
CA TYR B 242 15.00 11.92 -45.96
C TYR B 242 14.15 12.95 -45.24
N ASP B 243 12.88 12.62 -45.01
CA ASP B 243 11.97 13.56 -44.35
C ASP B 243 12.12 13.52 -42.84
N LEU B 244 12.82 12.50 -42.34
CA LEU B 244 13.01 12.35 -40.90
C LEU B 244 14.18 11.41 -40.57
N SER B 245 14.43 11.25 -39.28
CA SER B 245 15.47 10.35 -38.79
C SER B 245 16.80 10.58 -39.48
N ARG B 246 17.28 11.82 -39.42
CA ARG B 246 18.55 12.17 -40.04
C ARG B 246 19.67 11.99 -39.02
N PRO B 247 20.91 11.76 -39.50
CA PRO B 247 22.03 11.51 -38.58
C PRO B 247 22.29 12.65 -37.58
N GLU B 248 22.18 13.89 -38.05
CA GLU B 248 22.50 15.07 -37.23
C GLU B 248 21.76 15.05 -35.88
N ASN B 249 20.57 14.48 -35.89
CA ASN B 249 19.71 14.47 -34.71
C ASN B 249 20.41 13.84 -33.53
N LEU B 250 21.24 12.83 -33.81
CA LEU B 250 21.98 12.15 -32.76
C LEU B 250 22.75 13.18 -31.95
N ASP B 251 23.52 14.00 -32.64
CA ASP B 251 24.29 15.05 -31.97
C ASP B 251 23.39 15.92 -31.12
N PHE B 252 22.26 16.32 -31.70
CA PHE B 252 21.36 17.23 -31.00
C PHE B 252 20.84 16.55 -29.74
N LEU B 253 20.58 15.25 -29.83
CA LEU B 253 20.06 14.52 -28.69
C LEU B 253 21.03 14.66 -27.52
N LYS B 254 22.32 14.59 -27.83
CA LYS B 254 23.34 14.74 -26.80
C LYS B 254 23.15 16.08 -26.10
N ASP B 255 23.05 17.15 -26.91
CA ASP B 255 22.82 18.48 -26.37
C ASP B 255 21.59 18.45 -25.46
N LEU B 256 20.53 17.81 -25.93
CA LEU B 256 19.29 17.78 -25.17
C LEU B 256 19.57 17.07 -23.85
N ARG B 257 20.26 15.93 -23.94
CA ARG B 257 20.60 15.17 -22.74
C ARG B 257 21.39 16.05 -21.79
N ALA B 258 22.29 16.86 -22.34
CA ALA B 258 23.13 17.72 -21.52
C ALA B 258 22.25 18.62 -20.68
N LEU B 259 21.22 19.18 -21.31
CA LEU B 259 20.27 20.03 -20.62
C LEU B 259 19.65 19.23 -19.47
N MET B 260 19.22 18.01 -19.78
CA MET B 260 18.58 17.16 -18.80
C MET B 260 19.55 16.86 -17.66
N ASP B 261 20.83 16.76 -18.00
CA ASP B 261 21.85 16.44 -17.03
C ASP B 261 22.04 17.58 -16.03
N GLU B 262 21.69 18.80 -16.44
CA GLU B 262 21.78 19.94 -15.53
C GLU B 262 20.74 19.85 -14.41
N TYR B 263 19.79 18.92 -14.56
CA TYR B 263 18.72 18.75 -13.59
C TYR B 263 18.62 17.29 -13.19
N PRO B 264 19.43 16.87 -12.20
CA PRO B 264 19.50 15.48 -11.74
C PRO B 264 18.13 14.91 -11.38
N GLY B 265 17.87 13.66 -11.79
CA GLY B 265 16.62 13.00 -11.48
C GLY B 265 15.54 13.20 -12.54
N THR B 266 15.83 14.03 -13.53
CA THR B 266 14.90 14.23 -14.64
C THR B 266 15.15 13.20 -15.74
N THR B 267 14.14 12.97 -16.57
CA THR B 267 14.21 11.94 -17.59
C THR B 267 13.52 12.35 -18.89
N THR B 268 13.68 11.53 -19.93
CA THR B 268 13.02 11.76 -21.20
C THR B 268 12.53 10.46 -21.82
N VAL B 269 11.30 10.48 -22.33
CA VAL B 269 10.81 9.37 -23.14
C VAL B 269 10.46 9.87 -24.53
N GLY B 270 11.12 9.31 -25.55
CA GLY B 270 10.92 9.74 -26.91
C GLY B 270 9.85 8.93 -27.61
N GLU B 271 9.02 9.61 -28.40
CA GLU B 271 8.07 8.93 -29.26
C GLU B 271 8.68 8.66 -30.62
N ILE B 272 8.73 7.39 -31.01
CA ILE B 272 9.37 7.01 -32.27
C ILE B 272 8.35 6.79 -33.37
N GLY B 273 8.55 7.49 -34.49
CA GLY B 273 7.76 7.28 -35.68
C GLY B 273 8.71 6.99 -36.83
N ASP B 274 8.98 5.72 -37.06
CA ASP B 274 10.04 5.30 -37.97
C ASP B 274 9.72 3.99 -38.66
N ASP B 275 10.32 3.79 -39.83
CA ASP B 275 10.15 2.56 -40.60
C ASP B 275 10.74 1.37 -39.85
N ASN B 276 11.78 1.64 -39.06
CA ASN B 276 12.44 0.62 -38.25
C ASN B 276 12.50 1.07 -36.78
N PRO B 277 11.36 1.01 -36.08
CA PRO B 277 11.17 1.65 -34.77
C PRO B 277 12.05 1.10 -33.64
N LEU B 278 12.18 -0.21 -33.51
CA LEU B 278 13.05 -0.79 -32.47
C LEU B 278 14.50 -0.37 -32.64
N GLU B 279 14.98 -0.49 -33.88
CA GLU B 279 16.35 -0.11 -34.21
C GLU B 279 16.62 1.34 -33.84
N ARG B 280 15.65 2.21 -34.17
CA ARG B 280 15.75 3.62 -33.87
C ARG B 280 15.73 3.89 -32.37
N MET B 281 14.90 3.12 -31.65
CA MET B 281 14.84 3.25 -30.19
C MET B 281 16.17 2.88 -29.56
N ALA B 282 16.75 1.78 -30.03
CA ALA B 282 18.06 1.34 -29.56
C ALA B 282 19.10 2.42 -29.82
N GLU B 283 19.11 2.93 -31.04
CA GLU B 283 20.06 3.96 -31.45
C GLU B 283 19.95 5.22 -30.59
N TYR B 284 18.72 5.66 -30.36
CA TYR B 284 18.47 6.91 -29.65
C TYR B 284 18.65 6.79 -28.14
N THR B 285 18.48 5.59 -27.59
CA THR B 285 18.53 5.40 -26.15
C THR B 285 19.84 4.78 -25.68
N ALA B 286 20.70 4.40 -26.62
CA ALA B 286 22.01 3.85 -26.27
C ALA B 286 22.99 4.95 -25.87
N GLY B 287 24.12 4.54 -25.30
CA GLY B 287 25.21 5.46 -25.00
C GLY B 287 25.10 6.19 -23.68
N GLY B 288 23.88 6.27 -23.13
CA GLY B 288 23.66 6.98 -21.89
C GLY B 288 23.91 8.47 -21.98
N ASP B 289 24.11 8.97 -23.20
CA ASP B 289 24.41 10.37 -23.45
C ASP B 289 23.34 11.01 -24.32
N LYS B 290 22.27 10.24 -24.57
CA LYS B 290 21.16 10.71 -25.38
C LYS B 290 19.84 10.50 -24.65
N LEU B 291 18.87 9.89 -25.32
CA LEU B 291 17.55 9.66 -24.71
C LEU B 291 17.64 8.66 -23.57
N HIS B 292 16.91 8.93 -22.49
CA HIS B 292 16.81 8.01 -21.36
C HIS B 292 16.05 6.76 -21.77
N MET B 293 14.90 6.95 -22.42
CA MET B 293 14.06 5.85 -22.88
C MET B 293 13.20 6.32 -24.05
N ALA B 294 12.61 5.37 -24.76
CA ALA B 294 11.72 5.67 -25.87
C ALA B 294 10.69 4.57 -26.06
N TYR B 295 9.53 4.91 -26.62
CA TYR B 295 8.53 3.90 -26.95
C TYR B 295 8.24 3.88 -28.44
N THR B 296 7.78 2.73 -28.92
CA THR B 296 7.47 2.55 -30.32
C THR B 296 6.03 2.06 -30.49
N PHE B 297 5.60 1.91 -31.73
CA PHE B 297 4.24 1.47 -32.02
C PHE B 297 4.14 -0.03 -32.24
N ASP B 298 5.20 -0.75 -31.90
CA ASP B 298 5.22 -2.20 -32.06
C ASP B 298 4.16 -2.90 -31.22
N LEU B 299 3.95 -2.40 -29.99
CA LEU B 299 2.91 -2.94 -29.12
C LEU B 299 1.68 -2.03 -29.18
N LEU B 300 1.68 -1.13 -30.16
CA LEU B 300 0.57 -0.19 -30.33
C LEU B 300 -0.16 -0.46 -31.63
N ASN B 301 -0.03 -1.68 -32.15
CA ASN B 301 -0.68 -2.05 -33.40
C ASN B 301 -1.61 -3.24 -33.23
N MET B 302 -1.75 -4.06 -34.26
CA MET B 302 -2.73 -5.14 -34.25
C MET B 302 -2.22 -6.49 -33.70
N PRO B 303 -1.00 -6.93 -34.07
CA PRO B 303 -0.55 -8.22 -33.51
C PRO B 303 -0.49 -8.21 -31.98
N HIS B 304 -0.81 -9.34 -31.36
CA HIS B 304 -0.87 -9.40 -29.89
C HIS B 304 -0.78 -10.81 -29.34
N SER B 305 -0.38 -11.76 -30.17
CA SER B 305 -0.19 -13.14 -29.70
C SER B 305 1.07 -13.22 -28.83
N ALA B 306 1.20 -14.32 -28.09
CA ALA B 306 2.39 -14.53 -27.27
C ALA B 306 3.62 -14.65 -28.15
N SER B 307 3.46 -15.26 -29.32
CA SER B 307 4.54 -15.45 -30.26
C SER B 307 5.03 -14.11 -30.82
N TYR B 308 4.09 -13.21 -31.11
CA TYR B 308 4.45 -11.87 -31.56
C TYR B 308 5.28 -11.15 -30.51
N LEU B 309 4.85 -11.21 -29.26
CA LEU B 309 5.57 -10.59 -28.18
C LEU B 309 6.97 -11.20 -28.09
N ARG B 310 7.05 -12.51 -28.30
CA ARG B 310 8.33 -13.20 -28.31
C ARG B 310 9.28 -12.71 -29.41
N GLU B 311 8.78 -12.60 -30.64
CA GLU B 311 9.63 -12.11 -31.74
C GLU B 311 10.04 -10.66 -31.52
N VAL B 312 9.13 -9.83 -31.00
CA VAL B 312 9.48 -8.44 -30.69
C VAL B 312 10.61 -8.37 -29.66
N ILE B 313 10.46 -9.14 -28.58
CA ILE B 313 11.46 -9.16 -27.52
C ILE B 313 12.79 -9.66 -28.06
N GLU B 314 12.74 -10.71 -28.87
CA GLU B 314 13.93 -11.26 -29.51
C GLU B 314 14.64 -10.22 -30.36
N ARG B 315 13.87 -9.52 -31.19
CA ARG B 315 14.40 -8.48 -32.06
C ARG B 315 15.09 -7.37 -31.26
N PHE B 316 14.45 -6.93 -30.17
CA PHE B 316 15.05 -5.88 -29.34
C PHE B 316 16.31 -6.38 -28.62
N GLN B 317 16.32 -7.64 -28.22
CA GLN B 317 17.46 -8.20 -27.50
C GLN B 317 18.70 -8.38 -28.38
N ARG B 318 18.49 -8.43 -29.70
CA ARG B 318 19.62 -8.48 -30.63
C ARG B 318 20.20 -7.09 -30.84
N LEU B 319 19.45 -6.08 -30.41
CA LEU B 319 19.88 -4.69 -30.57
C LEU B 319 20.77 -4.29 -29.40
N ALA B 320 21.10 -3.00 -29.34
CA ALA B 320 22.01 -2.49 -28.33
C ALA B 320 21.57 -2.81 -26.90
N GLY B 321 22.45 -3.45 -26.15
CA GLY B 321 22.17 -3.82 -24.78
C GLY B 321 22.18 -2.60 -23.88
N ASP B 322 22.65 -1.49 -24.42
CA ASP B 322 22.77 -0.24 -23.69
C ASP B 322 21.50 0.58 -23.82
N ALA B 323 20.59 0.11 -24.67
CA ALA B 323 19.29 0.74 -24.87
C ALA B 323 18.33 0.47 -23.71
N TRP B 324 17.31 1.31 -23.57
CA TRP B 324 16.27 1.10 -22.57
C TRP B 324 14.90 1.48 -23.13
N PRO B 325 13.99 0.50 -23.18
CA PRO B 325 12.66 0.68 -23.75
C PRO B 325 11.60 1.16 -22.76
N CYS B 326 10.60 1.88 -23.26
CA CYS B 326 9.38 2.13 -22.52
C CYS B 326 8.23 1.46 -23.26
N TRP B 327 7.45 0.64 -22.55
CA TRP B 327 6.39 -0.10 -23.22
C TRP B 327 5.01 0.50 -22.97
N ALA B 328 4.20 0.54 -24.02
CA ALA B 328 2.84 1.07 -23.95
C ALA B 328 1.92 0.29 -24.87
N THR B 329 0.71 0.00 -24.40
CA THR B 329 -0.27 -0.72 -25.20
C THR B 329 -1.42 0.20 -25.59
N SER B 330 -1.39 1.43 -25.09
CA SER B 330 -2.40 2.42 -25.42
C SER B 330 -1.90 3.85 -25.21
N ASN B 331 -2.41 4.76 -26.04
CA ASN B 331 -2.21 6.18 -25.85
C ASN B 331 -3.29 6.99 -26.56
N HIS B 332 -3.08 8.29 -26.71
CA HIS B 332 -4.08 9.18 -27.29
C HIS B 332 -4.12 9.09 -28.83
N ASP B 333 -3.29 8.23 -29.41
CA ASP B 333 -3.20 8.14 -30.86
C ASP B 333 -3.71 6.83 -31.43
N VAL B 334 -3.98 5.86 -30.56
CA VAL B 334 -4.36 4.53 -31.03
C VAL B 334 -5.63 4.03 -30.37
N VAL B 335 -6.24 3.02 -30.98
CA VAL B 335 -7.43 2.37 -30.42
C VAL B 335 -7.07 1.74 -29.09
N ARG B 336 -7.96 1.91 -28.11
CA ARG B 336 -7.74 1.36 -26.76
C ARG B 336 -7.38 -0.12 -26.79
N SER B 337 -6.43 -0.50 -25.94
CA SER B 337 -5.86 -1.83 -25.94
C SER B 337 -6.90 -2.93 -25.70
N ALA B 338 -7.86 -2.65 -24.84
CA ALA B 338 -8.92 -3.61 -24.52
C ALA B 338 -9.72 -3.98 -25.78
N THR B 339 -9.77 -3.05 -26.73
CA THR B 339 -10.45 -3.29 -28.00
C THR B 339 -9.47 -3.68 -29.09
N ARG B 340 -8.37 -2.94 -29.21
CA ARG B 340 -7.39 -3.16 -30.27
C ARG B 340 -6.80 -4.56 -30.18
N TRP B 341 -6.51 -5.03 -28.98
CA TRP B 341 -5.95 -6.36 -28.77
C TRP B 341 -7.01 -7.38 -28.37
N GLY B 342 -7.93 -6.97 -27.50
CA GLY B 342 -8.86 -7.89 -26.87
C GLY B 342 -10.30 -7.80 -27.32
N ALA B 343 -10.53 -7.44 -28.58
CA ALA B 343 -11.89 -7.36 -29.10
C ALA B 343 -12.55 -8.73 -29.12
N ASP B 344 -11.79 -9.75 -29.48
CA ASP B 344 -12.32 -11.10 -29.58
C ASP B 344 -12.01 -11.92 -28.34
N GLU B 345 -11.78 -11.23 -27.22
CA GLU B 345 -11.49 -11.89 -25.96
C GLU B 345 -12.44 -11.38 -24.87
N ASP B 346 -12.43 -12.03 -23.72
CA ASP B 346 -13.27 -11.63 -22.60
C ASP B 346 -12.88 -10.22 -22.12
N PRO B 347 -13.85 -9.30 -22.07
CA PRO B 347 -13.59 -7.90 -21.73
C PRO B 347 -13.26 -7.70 -20.25
N HIS B 348 -13.53 -8.70 -19.41
CA HIS B 348 -13.29 -8.58 -17.98
C HIS B 348 -12.00 -9.28 -17.54
N ALA B 349 -11.64 -10.34 -18.25
CA ALA B 349 -10.48 -11.14 -17.86
C ALA B 349 -9.20 -10.78 -18.61
N TYR B 350 -9.33 -10.54 -19.91
CA TYR B 350 -8.16 -10.27 -20.76
C TYR B 350 -7.37 -9.01 -20.41
N PRO B 351 -8.05 -7.87 -20.11
CA PRO B 351 -7.25 -6.69 -19.74
C PRO B 351 -6.32 -6.94 -18.56
N LYS B 352 -6.74 -7.79 -17.64
CA LYS B 352 -5.94 -8.09 -16.46
C LYS B 352 -4.62 -8.76 -16.82
N VAL B 353 -4.70 -9.83 -17.61
CA VAL B 353 -3.51 -10.58 -17.98
C VAL B 353 -2.64 -9.78 -18.95
N MET B 354 -3.30 -9.00 -19.82
CA MET B 354 -2.58 -8.13 -20.75
C MET B 354 -1.74 -7.12 -19.99
N LEU B 355 -2.38 -6.45 -19.03
CA LEU B 355 -1.68 -5.46 -18.22
C LEU B 355 -0.62 -6.12 -17.34
N ALA B 356 -0.85 -7.38 -16.97
CA ALA B 356 0.15 -8.14 -16.23
C ALA B 356 1.41 -8.31 -17.09
N VAL B 357 1.20 -8.72 -18.34
CA VAL B 357 2.28 -8.86 -19.30
C VAL B 357 3.03 -7.55 -19.46
N LEU B 358 2.28 -6.48 -19.69
CA LEU B 358 2.84 -5.14 -19.82
C LEU B 358 3.71 -4.77 -18.61
N PHE B 359 3.22 -5.08 -17.41
CA PHE B 359 3.92 -4.71 -16.18
C PHE B 359 5.09 -5.65 -15.91
N SER B 360 5.15 -6.75 -16.64
CA SER B 360 6.19 -7.76 -16.42
C SER B 360 7.32 -7.70 -17.45
N LEU B 361 7.13 -6.90 -18.50
CA LEU B 361 8.16 -6.75 -19.53
C LEU B 361 9.37 -5.98 -19.00
N ARG B 362 10.53 -6.22 -19.58
CA ARG B 362 11.75 -5.51 -19.17
C ARG B 362 11.78 -4.11 -19.75
N GLY B 363 11.53 -3.11 -18.91
CA GLY B 363 11.56 -1.73 -19.35
C GLY B 363 10.59 -0.88 -18.54
N SER B 364 10.47 0.39 -18.91
CA SER B 364 9.47 1.26 -18.30
C SER B 364 8.11 0.98 -18.91
N VAL B 365 7.07 1.57 -18.33
CA VAL B 365 5.71 1.35 -18.82
C VAL B 365 4.96 2.67 -18.97
N CYS B 366 4.23 2.81 -20.07
CA CYS B 366 3.25 3.89 -20.18
C CYS B 366 1.85 3.31 -20.12
N LEU B 367 1.07 3.78 -19.15
CA LEU B 367 -0.29 3.29 -18.96
C LEU B 367 -1.29 4.40 -19.24
N TYR B 368 -2.13 4.19 -20.24
CA TYR B 368 -3.05 5.23 -20.70
C TYR B 368 -4.26 5.32 -19.79
N GLN B 369 -4.73 6.55 -19.56
CA GLN B 369 -5.90 6.77 -18.73
C GLN B 369 -7.11 5.97 -19.23
N GLY B 370 -7.66 5.14 -18.35
CA GLY B 370 -8.80 4.31 -18.69
C GLY B 370 -8.42 2.88 -19.00
N GLU B 371 -7.16 2.68 -19.38
CA GLU B 371 -6.64 1.34 -19.65
C GLU B 371 -6.68 0.47 -18.40
N GLU B 372 -6.51 1.11 -17.24
CA GLU B 372 -6.55 0.39 -15.96
C GLU B 372 -7.97 0.02 -15.60
N LEU B 373 -8.94 0.56 -16.33
CA LEU B 373 -10.34 0.23 -16.12
C LEU B 373 -10.80 -0.79 -17.16
N GLY B 374 -9.90 -1.16 -18.07
CA GLY B 374 -10.22 -2.07 -19.15
C GLY B 374 -11.22 -1.46 -20.10
N LEU B 375 -11.17 -0.13 -20.23
CA LEU B 375 -12.07 0.60 -21.10
C LEU B 375 -11.89 0.24 -22.57
N PRO B 376 -12.99 -0.08 -23.25
CA PRO B 376 -13.00 -0.37 -24.69
C PRO B 376 -13.01 0.93 -25.52
N GLU B 377 -12.65 0.82 -26.80
CA GLU B 377 -12.72 1.95 -27.71
C GLU B 377 -14.14 2.47 -27.82
N ALA B 378 -14.30 3.79 -27.74
CA ALA B 378 -15.63 4.39 -27.83
C ALA B 378 -16.00 4.59 -29.29
N ASP B 379 -17.29 4.52 -29.58
CA ASP B 379 -17.78 4.76 -30.93
C ASP B 379 -18.24 6.21 -31.07
N VAL B 380 -17.46 7.00 -31.79
CA VAL B 380 -17.80 8.40 -32.01
C VAL B 380 -18.49 8.60 -33.35
N PRO B 381 -19.74 9.09 -33.32
CA PRO B 381 -20.50 9.36 -34.53
C PRO B 381 -19.87 10.47 -35.36
N PHE B 382 -20.11 10.43 -36.67
CA PHE B 382 -19.55 11.41 -37.61
C PHE B 382 -19.72 12.85 -37.14
N GLU B 383 -20.94 13.19 -36.73
CA GLU B 383 -21.26 14.56 -36.31
C GLU B 383 -20.56 15.00 -35.03
N ARG B 384 -19.94 14.06 -34.31
CA ARG B 384 -19.27 14.40 -33.06
C ARG B 384 -17.75 14.35 -33.18
N ILE B 385 -17.25 14.00 -34.36
CA ILE B 385 -15.81 13.91 -34.61
C ILE B 385 -15.12 15.25 -34.39
N GLN B 386 -13.98 15.23 -33.70
CA GLN B 386 -13.20 16.44 -33.43
C GLN B 386 -11.82 16.36 -34.05
N ASP B 387 -11.17 15.20 -33.91
CA ASP B 387 -9.83 14.98 -34.46
C ASP B 387 -9.83 15.18 -35.97
N PRO B 388 -9.04 16.15 -36.46
CA PRO B 388 -8.90 16.42 -37.90
C PRO B 388 -8.35 15.22 -38.67
N TYR B 389 -7.61 14.37 -37.96
CA TYR B 389 -7.08 13.14 -38.54
C TYR B 389 -8.20 12.14 -38.84
N GLY B 390 -9.40 12.44 -38.36
CA GLY B 390 -10.57 11.61 -38.61
C GLY B 390 -11.49 12.14 -39.69
N LYS B 391 -11.10 13.23 -40.34
CA LYS B 391 -11.93 13.86 -41.37
C LYS B 391 -11.24 13.85 -42.72
N VAL B 392 -10.20 13.03 -42.85
CA VAL B 392 -9.43 12.99 -44.08
C VAL B 392 -9.45 11.60 -44.72
N LEU B 393 -9.68 10.57 -43.91
CA LEU B 393 -9.74 9.21 -44.42
C LEU B 393 -11.00 8.49 -43.97
N TRP B 394 -12.05 9.25 -43.69
CA TRP B 394 -13.35 8.69 -43.31
C TRP B 394 -13.98 8.01 -44.52
N PRO B 395 -14.55 6.81 -44.33
CA PRO B 395 -14.65 6.10 -43.06
C PRO B 395 -13.59 5.00 -42.88
N GLU B 396 -12.72 4.82 -43.86
CA GLU B 396 -11.65 3.82 -43.77
C GLU B 396 -10.82 4.00 -42.51
N PHE B 397 -10.55 5.25 -42.14
CA PHE B 397 -9.90 5.56 -40.89
C PHE B 397 -10.69 6.66 -40.19
N LYS B 398 -11.09 6.42 -38.94
CA LYS B 398 -12.06 7.28 -38.28
C LYS B 398 -11.43 8.16 -37.20
N GLY B 399 -10.11 8.33 -37.27
CA GLY B 399 -9.41 9.21 -36.36
C GLY B 399 -9.08 8.62 -34.99
N ARG B 400 -8.84 9.52 -34.03
CA ARG B 400 -8.35 9.11 -32.72
C ARG B 400 -9.29 9.52 -31.59
N ASP B 401 -10.45 10.06 -31.96
CA ASP B 401 -11.45 10.51 -30.98
C ASP B 401 -11.96 9.36 -30.11
N GLY B 402 -11.94 8.15 -30.66
CA GLY B 402 -12.46 6.97 -29.97
C GLY B 402 -11.77 6.69 -28.64
N CYS B 403 -10.50 7.07 -28.53
CA CYS B 403 -9.75 6.84 -27.31
C CYS B 403 -9.60 8.13 -26.50
N ARG B 404 -10.29 9.18 -26.91
CA ARG B 404 -10.17 10.48 -26.25
C ARG B 404 -11.47 10.91 -25.57
N THR B 405 -12.44 10.00 -25.51
CA THR B 405 -13.70 10.30 -24.84
C THR B 405 -13.46 10.45 -23.33
N PRO B 406 -14.26 11.30 -22.67
CA PRO B 406 -14.05 11.66 -21.26
C PRO B 406 -13.97 10.46 -20.31
N MET B 407 -13.27 10.67 -19.20
CA MET B 407 -13.06 9.63 -18.19
C MET B 407 -14.33 9.35 -17.38
N PRO B 408 -14.70 8.07 -17.26
CA PRO B 408 -15.88 7.68 -16.48
C PRO B 408 -15.59 7.58 -15.00
N TRP B 409 -15.88 8.65 -14.27
CA TRP B 409 -15.65 8.68 -12.83
C TRP B 409 -16.82 8.05 -12.08
N THR B 410 -18.03 8.39 -12.48
CA THR B 410 -19.23 7.77 -11.90
C THR B 410 -20.11 7.21 -13.01
N ASP B 411 -21.17 6.50 -12.62
CA ASP B 411 -22.12 5.95 -13.58
C ASP B 411 -23.30 6.90 -13.75
N GLY B 412 -23.15 8.11 -13.21
CA GLY B 412 -24.20 9.11 -13.29
C GLY B 412 -24.21 9.87 -14.59
N GLU B 413 -24.76 11.08 -14.56
CA GLU B 413 -24.86 11.91 -15.76
C GLU B 413 -23.49 12.30 -16.29
N GLN B 414 -23.29 12.08 -17.59
CA GLN B 414 -22.03 12.39 -18.27
C GLN B 414 -20.82 11.75 -17.58
N GLY B 415 -21.06 10.66 -16.87
CA GLY B 415 -20.02 9.97 -16.14
C GLY B 415 -19.37 10.78 -15.03
N GLY B 416 -20.02 11.87 -14.63
CA GLY B 416 -19.48 12.71 -13.58
C GLY B 416 -18.27 13.51 -14.02
N PHE B 417 -18.02 13.50 -15.33
CA PHE B 417 -16.88 14.20 -15.91
C PHE B 417 -17.11 15.72 -15.93
N SER B 418 -18.34 16.11 -16.23
CA SER B 418 -18.67 17.53 -16.41
C SER B 418 -20.17 17.77 -16.20
N PRO B 419 -20.51 18.96 -15.67
CA PRO B 419 -21.93 19.30 -15.47
C PRO B 419 -22.64 19.62 -16.79
N VAL B 420 -21.88 19.78 -17.86
CA VAL B 420 -22.46 20.02 -19.18
C VAL B 420 -21.99 18.96 -20.17
N GLU B 421 -22.44 19.07 -21.41
CA GLU B 421 -22.05 18.13 -22.46
C GLU B 421 -20.57 18.31 -22.80
N PRO B 422 -19.79 17.23 -22.65
CA PRO B 422 -18.33 17.29 -22.86
C PRO B 422 -17.96 17.46 -24.33
N TRP B 423 -16.69 17.82 -24.58
CA TRP B 423 -16.23 18.13 -25.93
C TRP B 423 -16.29 16.89 -26.83
N LEU B 424 -16.19 15.72 -26.21
CA LEU B 424 -16.45 14.46 -26.89
C LEU B 424 -17.51 13.72 -26.10
N PRO B 425 -18.38 12.96 -26.79
CA PRO B 425 -19.47 12.29 -26.09
C PRO B 425 -18.98 11.21 -25.13
N MET B 426 -19.50 11.21 -23.91
CA MET B 426 -19.23 10.13 -22.97
C MET B 426 -19.77 8.82 -23.51
N GLU B 427 -18.94 7.78 -23.48
CA GLU B 427 -19.35 6.48 -23.99
C GLU B 427 -20.26 5.77 -22.99
N ALA B 428 -21.39 5.27 -23.49
CA ALA B 428 -22.38 4.58 -22.66
C ALA B 428 -21.78 3.39 -21.92
N ARG B 429 -21.06 2.55 -22.66
CA ARG B 429 -20.45 1.34 -22.10
C ARG B 429 -19.46 1.66 -20.99
N HIS B 430 -18.89 2.86 -21.02
CA HIS B 430 -17.91 3.26 -20.02
C HIS B 430 -18.54 3.48 -18.65
N LEU B 431 -19.84 3.78 -18.63
CA LEU B 431 -20.55 4.12 -17.40
C LEU B 431 -20.55 2.99 -16.37
N GLU B 432 -20.77 1.75 -16.83
CA GLU B 432 -20.78 0.62 -15.92
C GLU B 432 -19.36 0.15 -15.60
N LEU B 433 -18.39 0.76 -16.26
CA LEU B 433 -16.98 0.51 -15.98
C LEU B 433 -16.36 1.70 -15.24
N ALA B 434 -17.22 2.60 -14.77
CA ALA B 434 -16.77 3.83 -14.11
C ALA B 434 -15.93 3.56 -12.86
N VAL B 435 -15.24 4.60 -12.41
CA VAL B 435 -14.38 4.51 -11.24
C VAL B 435 -15.18 4.16 -9.98
N SER B 436 -16.35 4.78 -9.82
CA SER B 436 -17.18 4.55 -8.64
C SER B 436 -17.71 3.11 -8.58
N ARG B 437 -18.02 2.56 -9.74
CA ARG B 437 -18.57 1.21 -9.84
C ARG B 437 -17.49 0.15 -9.64
N GLN B 438 -16.24 0.59 -9.69
CA GLN B 438 -15.10 -0.31 -9.82
C GLN B 438 -14.17 -0.20 -8.61
N GLN B 439 -14.37 0.86 -7.84
CA GLN B 439 -13.53 1.20 -6.70
C GLN B 439 -13.54 0.12 -5.63
N ASP B 440 -14.73 -0.35 -5.28
CA ASP B 440 -14.90 -1.29 -4.17
C ASP B 440 -15.17 -2.70 -4.68
N ASP B 441 -14.80 -2.96 -5.93
CA ASP B 441 -14.90 -4.28 -6.51
C ASP B 441 -13.50 -4.91 -6.59
N PRO B 442 -13.26 -5.96 -5.79
CA PRO B 442 -11.94 -6.60 -5.76
C PRO B 442 -11.67 -7.46 -6.98
N ASN B 443 -12.71 -7.73 -7.76
CA ASN B 443 -12.59 -8.55 -8.97
C ASN B 443 -12.52 -7.70 -10.22
N ALA B 444 -12.66 -6.39 -10.04
CA ALA B 444 -12.64 -5.45 -11.14
C ALA B 444 -11.20 -5.08 -11.54
N THR B 445 -11.03 -4.72 -12.81
CA THR B 445 -9.71 -4.51 -13.40
C THR B 445 -8.87 -3.46 -12.66
N LEU B 446 -9.52 -2.42 -12.16
CA LEU B 446 -8.83 -1.37 -11.41
C LEU B 446 -7.98 -1.90 -10.25
N ASN B 447 -8.59 -2.70 -9.40
CA ASN B 447 -7.91 -3.21 -8.22
C ASN B 447 -6.91 -4.30 -8.59
N THR B 448 -7.18 -4.97 -9.72
CA THR B 448 -6.22 -5.90 -10.30
C THR B 448 -4.95 -5.16 -10.68
N VAL B 449 -5.11 -3.97 -11.26
CA VAL B 449 -3.99 -3.12 -11.64
C VAL B 449 -3.24 -2.63 -10.41
N ARG B 450 -4.00 -2.17 -9.42
CA ARG B 450 -3.41 -1.72 -8.15
C ARG B 450 -2.55 -2.82 -7.54
N ALA B 451 -3.10 -4.03 -7.47
CA ALA B 451 -2.41 -5.16 -6.88
C ALA B 451 -1.18 -5.55 -7.71
N LEU B 452 -1.34 -5.54 -9.03
CA LEU B 452 -0.25 -5.85 -9.95
C LEU B 452 0.92 -4.88 -9.79
N LEU B 453 0.63 -3.60 -9.62
CA LEU B 453 1.69 -2.59 -9.50
C LEU B 453 2.32 -2.58 -8.11
N ALA B 454 1.54 -2.90 -7.09
CA ALA B 454 2.11 -3.04 -5.75
C ALA B 454 3.06 -4.25 -5.71
N PHE B 455 2.61 -5.35 -6.29
CA PHE B 455 3.41 -6.56 -6.41
C PHE B 455 4.69 -6.29 -7.19
N ARG B 456 4.54 -5.65 -8.34
CA ARG B 456 5.69 -5.24 -9.16
C ARG B 456 6.65 -4.39 -8.35
N ARG B 457 6.09 -3.52 -7.52
CA ARG B 457 6.88 -2.61 -6.70
C ARG B 457 7.63 -3.35 -5.60
N SER B 458 7.10 -4.51 -5.20
CA SER B 458 7.68 -5.25 -4.08
C SER B 458 8.79 -6.21 -4.48
N HIS B 459 9.06 -6.33 -5.77
CA HIS B 459 10.09 -7.26 -6.25
C HIS B 459 11.08 -6.55 -7.17
N PRO B 460 12.35 -6.45 -6.73
CA PRO B 460 13.45 -5.80 -7.47
C PRO B 460 13.62 -6.32 -8.89
N ALA B 461 13.45 -7.63 -9.08
CA ALA B 461 13.65 -8.25 -10.38
C ALA B 461 12.68 -7.71 -11.41
N LEU B 462 11.52 -7.24 -10.94
CA LEU B 462 10.49 -6.71 -11.82
C LEU B 462 10.66 -5.22 -12.07
N PHE B 463 11.67 -4.60 -11.45
CA PHE B 463 11.94 -3.19 -11.70
C PHE B 463 12.81 -3.00 -12.94
N ASP B 464 14.03 -3.53 -12.90
CA ASP B 464 14.97 -3.39 -14.01
C ASP B 464 15.82 -4.63 -14.19
N GLY B 465 15.29 -5.78 -13.78
CA GLY B 465 16.02 -7.02 -13.90
C GLY B 465 16.14 -7.49 -15.34
N ASP B 466 17.12 -8.35 -15.60
CA ASP B 466 17.30 -8.93 -16.93
C ASP B 466 16.09 -9.81 -17.28
N LEU B 467 15.84 -9.98 -18.57
CA LEU B 467 14.74 -10.80 -19.03
C LEU B 467 15.24 -11.90 -19.96
N SER B 468 14.79 -13.12 -19.71
CA SER B 468 15.20 -14.25 -20.55
C SER B 468 14.01 -15.11 -20.95
N LEU B 469 13.74 -15.17 -22.26
CA LEU B 469 12.64 -15.98 -22.77
C LEU B 469 12.89 -17.46 -22.51
N VAL B 470 11.82 -18.18 -22.19
CA VAL B 470 11.90 -19.62 -21.94
C VAL B 470 10.77 -20.36 -22.67
N ASP B 471 11.00 -21.64 -22.96
CA ASP B 471 10.04 -22.43 -23.72
C ASP B 471 8.85 -22.78 -22.83
N VAL B 472 7.67 -22.32 -23.22
CA VAL B 472 6.45 -22.49 -22.42
C VAL B 472 5.30 -22.85 -23.36
N GLY B 473 5.64 -23.14 -24.62
CA GLY B 473 4.65 -23.49 -25.61
C GLY B 473 4.24 -22.30 -26.46
N ASP B 474 3.53 -22.58 -27.55
CA ASP B 474 3.13 -21.55 -28.50
C ASP B 474 2.03 -20.63 -27.97
N ASP B 475 1.17 -21.15 -27.11
CA ASP B 475 0.01 -20.40 -26.66
C ASP B 475 0.22 -19.76 -25.29
N LEU B 476 1.45 -19.80 -24.80
CA LEU B 476 1.76 -19.16 -23.52
C LEU B 476 2.97 -18.25 -23.68
N LEU B 477 3.06 -17.22 -22.84
CA LEU B 477 4.23 -16.35 -22.86
C LEU B 477 5.02 -16.50 -21.56
N GLY B 478 6.27 -16.91 -21.65
CA GLY B 478 7.04 -17.17 -20.44
C GLY B 478 8.44 -16.61 -20.48
N PHE B 479 8.86 -16.03 -19.36
CA PHE B 479 10.24 -15.54 -19.24
C PHE B 479 10.67 -15.36 -17.79
N THR B 480 11.99 -15.28 -17.59
CA THR B 480 12.54 -15.05 -16.26
C THR B 480 13.03 -13.61 -16.12
N ARG B 481 12.83 -13.04 -14.93
CA ARG B 481 13.38 -11.73 -14.59
C ARG B 481 14.39 -11.87 -13.47
N GLN B 482 15.59 -11.33 -13.66
CA GLN B 482 16.66 -11.56 -12.68
C GLN B 482 17.38 -10.30 -12.22
N LYS B 483 17.50 -10.16 -10.89
CA LYS B 483 18.35 -9.14 -10.29
C LYS B 483 18.83 -9.61 -8.93
N GLY B 484 20.14 -9.82 -8.84
CA GLY B 484 20.75 -10.37 -7.63
C GLY B 484 20.22 -11.75 -7.28
N ASP B 485 19.90 -11.95 -6.00
CA ASP B 485 19.37 -13.22 -5.53
C ASP B 485 18.07 -13.62 -6.21
N GLU B 486 17.26 -12.64 -6.59
CA GLU B 486 15.90 -12.91 -7.00
C GLU B 486 15.78 -13.18 -8.49
N THR B 487 15.28 -14.36 -8.82
CA THR B 487 14.94 -14.72 -10.18
C THR B 487 13.49 -15.19 -10.22
N LEU B 488 12.66 -14.49 -10.97
CA LEU B 488 11.24 -14.80 -11.01
C LEU B 488 10.84 -15.43 -12.33
N LEU B 489 9.96 -16.42 -12.28
CA LEU B 489 9.41 -17.03 -13.47
C LEU B 489 8.01 -16.48 -13.71
N CYS B 490 7.82 -15.85 -14.87
CA CYS B 490 6.55 -15.25 -15.24
C CYS B 490 5.94 -15.97 -16.44
N VAL B 491 4.72 -16.48 -16.26
CA VAL B 491 4.01 -17.20 -17.30
C VAL B 491 2.62 -16.58 -17.50
N PHE B 492 2.25 -16.32 -18.75
CA PHE B 492 1.00 -15.63 -19.06
C PHE B 492 0.18 -16.35 -20.13
N ASN B 493 -1.10 -16.53 -19.84
CA ASN B 493 -2.07 -17.06 -20.79
C ASN B 493 -2.93 -15.94 -21.36
N LEU B 494 -2.70 -15.60 -22.62
CA LEU B 494 -3.46 -14.52 -23.25
C LEU B 494 -4.67 -15.05 -24.02
N THR B 495 -4.88 -16.36 -23.98
CA THR B 495 -5.99 -16.98 -24.68
C THR B 495 -7.18 -17.25 -23.76
N GLY B 496 -8.34 -17.48 -24.34
CA GLY B 496 -9.54 -17.78 -23.57
C GLY B 496 -9.75 -19.26 -23.33
N GLN B 497 -8.68 -20.03 -23.46
CA GLN B 497 -8.74 -21.47 -23.24
C GLN B 497 -7.62 -21.90 -22.30
N GLU B 498 -7.89 -22.92 -21.49
CA GLU B 498 -6.90 -23.43 -20.55
C GLU B 498 -5.64 -23.94 -21.26
N GLN B 499 -4.49 -23.74 -20.63
CA GLN B 499 -3.22 -24.10 -21.21
C GLN B 499 -2.32 -24.80 -20.20
N GLN B 500 -1.35 -25.58 -20.69
CA GLN B 500 -0.48 -26.35 -19.82
C GLN B 500 0.94 -26.41 -20.38
N THR B 501 1.94 -26.48 -19.50
CA THR B 501 3.32 -26.58 -19.95
C THR B 501 4.20 -27.26 -18.90
N THR B 502 5.31 -27.82 -19.33
CA THR B 502 6.31 -28.32 -18.39
C THR B 502 7.29 -27.19 -18.05
N LEU B 503 7.54 -26.97 -16.77
CA LEU B 503 8.42 -25.90 -16.33
C LEU B 503 9.88 -26.22 -16.65
N PRO B 504 10.58 -25.26 -17.29
CA PRO B 504 11.97 -25.44 -17.71
C PRO B 504 12.97 -25.27 -16.58
N VAL B 505 12.51 -24.80 -15.43
CA VAL B 505 13.37 -24.62 -14.26
C VAL B 505 12.64 -25.12 -13.01
N GLU B 506 13.25 -24.91 -11.84
CA GLU B 506 12.65 -25.38 -10.59
C GLU B 506 12.06 -24.25 -9.77
N VAL B 507 10.79 -24.40 -9.42
CA VAL B 507 10.05 -23.39 -8.68
C VAL B 507 10.20 -23.56 -7.17
N ALA B 508 10.58 -22.49 -6.49
CA ALA B 508 10.68 -22.49 -5.04
C ALA B 508 9.30 -22.34 -4.40
N SER B 509 8.60 -21.27 -4.75
CA SER B 509 7.26 -21.02 -4.22
C SER B 509 6.39 -20.22 -5.18
N ASP B 510 5.08 -20.38 -5.04
CA ASP B 510 4.12 -19.60 -5.80
C ASP B 510 4.00 -18.20 -5.23
N LEU B 511 3.75 -17.22 -6.09
CA LEU B 511 3.57 -15.84 -5.66
C LEU B 511 2.13 -15.39 -5.90
N PRO B 512 1.41 -15.07 -4.81
CA PRO B 512 0.01 -14.65 -4.93
C PRO B 512 -0.09 -13.21 -5.40
N VAL B 513 -0.90 -12.99 -6.43
CA VAL B 513 -1.08 -11.67 -7.03
C VAL B 513 -2.53 -11.54 -7.46
N ALA B 514 -3.17 -10.44 -7.04
CA ALA B 514 -4.56 -10.17 -7.37
C ALA B 514 -5.43 -11.38 -7.03
N HIS B 515 -6.26 -11.79 -7.96
CA HIS B 515 -7.03 -13.03 -7.83
C HIS B 515 -6.66 -14.02 -8.92
N PHE B 516 -5.43 -13.91 -9.43
CA PHE B 516 -4.95 -14.86 -10.44
C PHE B 516 -4.82 -16.25 -9.81
N THR B 517 -5.18 -17.27 -10.59
CA THR B 517 -5.19 -18.65 -10.10
C THR B 517 -4.47 -19.60 -11.04
N ALA B 518 -3.54 -20.38 -10.50
CA ALA B 518 -2.78 -21.33 -11.30
C ALA B 518 -2.40 -22.57 -10.48
N THR B 519 -2.39 -23.71 -11.14
CA THR B 519 -2.10 -24.98 -10.48
C THR B 519 -0.72 -25.48 -10.86
N ARG B 520 0.15 -25.63 -9.87
CA ARG B 520 1.50 -26.13 -10.10
C ARG B 520 1.68 -27.53 -9.54
N ASP B 521 1.74 -28.52 -10.43
CA ASP B 521 1.89 -29.92 -10.03
C ASP B 521 3.27 -30.43 -10.42
N GLY B 522 4.20 -30.41 -9.47
CA GLY B 522 5.56 -30.84 -9.72
C GLY B 522 6.26 -29.96 -10.74
N SER B 523 6.42 -30.49 -11.95
CA SER B 523 7.09 -29.76 -13.01
C SER B 523 6.11 -29.37 -14.10
N THR B 524 4.84 -29.68 -13.91
CA THR B 524 3.82 -29.29 -14.87
C THR B 524 2.93 -28.18 -14.31
N LEU B 525 2.86 -27.07 -15.04
CA LEU B 525 2.06 -25.92 -14.65
C LEU B 525 0.85 -25.76 -15.57
N THR B 526 -0.31 -25.56 -14.95
CA THR B 526 -1.56 -25.36 -15.68
C THR B 526 -2.11 -23.96 -15.42
N LEU B 527 -2.51 -23.26 -16.47
CA LEU B 527 -3.11 -21.94 -16.34
C LEU B 527 -4.47 -21.90 -17.01
N PRO B 528 -5.52 -21.62 -16.22
CA PRO B 528 -6.87 -21.39 -16.74
C PRO B 528 -6.90 -20.19 -17.69
N ALA B 529 -8.03 -19.99 -18.37
CA ALA B 529 -8.19 -18.88 -19.30
C ALA B 529 -7.78 -17.53 -18.69
N TYR B 530 -6.97 -16.78 -19.44
CA TYR B 530 -6.58 -15.41 -19.08
C TYR B 530 -5.89 -15.30 -17.72
N GLN B 531 -5.26 -16.36 -17.27
CA GLN B 531 -4.59 -16.33 -15.97
C GLN B 531 -3.08 -16.12 -16.08
N ALA B 532 -2.49 -15.59 -15.02
CA ALA B 532 -1.05 -15.37 -14.95
C ALA B 532 -0.44 -16.13 -13.78
N ALA B 533 0.86 -16.36 -13.85
CA ALA B 533 1.57 -17.07 -12.80
C ALA B 533 2.96 -16.49 -12.56
N PHE B 534 3.21 -16.08 -11.31
CA PHE B 534 4.50 -15.58 -10.89
C PHE B 534 5.09 -16.54 -9.87
N MET B 535 6.36 -16.89 -10.04
CA MET B 535 6.98 -17.87 -9.14
C MET B 535 8.41 -17.49 -8.75
N GLN B 536 8.78 -17.81 -7.52
CA GLN B 536 10.16 -17.65 -7.09
C GLN B 536 10.96 -18.85 -7.58
N VAL B 537 12.08 -18.60 -8.24
CA VAL B 537 12.88 -19.70 -8.80
C VAL B 537 14.12 -19.99 -7.97
N ALA B 538 14.34 -21.27 -7.69
CA ALA B 538 15.50 -21.71 -6.93
C ALA B 538 16.78 -21.48 -7.72
#